data_2C00
#
_entry.id   2C00
#
_cell.length_a   160.402
_cell.length_b   160.402
_cell.length_c   146.764
_cell.angle_alpha   90.00
_cell.angle_beta   90.00
_cell.angle_gamma   120.00
#
_symmetry.space_group_name_H-M   'P 31 2 1'
#
loop_
_entity.id
_entity.type
_entity.pdbx_description
1 polymer 'BIOTIN CARBOXYLASE'
2 non-polymer 'SULFATE ION'
3 water water
#
_entity_poly.entity_id   1
_entity_poly.type   'polypeptide(L)'
_entity_poly.pdbx_seq_one_letter_code
;MLEKVLIANRGEIALRILRACKELGIKTVAVHSTADRELMHLSLADESVCIGPAPATQSYLQIPAIIAAAEVTGATAIHP
GYGFLAENADFAEQIERSGFTFVGPTAEVIRLMGDKVSAKDAMKRAGVPTVPGSDGPLPEDEETALAIAREVGYPVIIKA
AGGGGGRGMRVVYDESELIKSAKLTRTEAGAAFGNPMVYLEKFLTNPRHVEVQVLSDGQGNAIHLGDRDCSLQRRHQKVI
EEAPAPGIDEKARQEVFARCVQACIEIGYRGAGTFEFLYENGRFYFIEMNTRVQVEHPVSEMVTGVDIVKEMLRIASGEK
LSIRQEDVVIRGHALECRINAEDPKTFMPSPGKVKHFHAPGGNGVRVDSHLYSGYSVPPNYDSLVGKVITYGADRDEALA
RMRNALDELIVDGIKTNTELHKDLVRDAAFCKGGVNIHYLEKKLGMDKHGSENLYFQGHHHHHH
;
_entity_poly.pdbx_strand_id   A,B
#
# COMPACT_ATOMS: atom_id res chain seq x y z
N MET A 1 -24.30 -4.24 -11.79
CA MET A 1 -23.42 -4.78 -10.74
C MET A 1 -24.21 -5.78 -9.89
N LEU A 2 -23.54 -6.82 -9.37
CA LEU A 2 -24.21 -7.81 -8.56
C LEU A 2 -24.91 -7.13 -7.38
N GLU A 3 -26.17 -7.50 -7.15
CA GLU A 3 -26.97 -6.91 -6.09
C GLU A 3 -26.45 -7.39 -4.72
N LYS A 4 -26.33 -8.70 -4.56
CA LYS A 4 -26.05 -9.26 -3.24
C LYS A 4 -25.17 -10.51 -3.37
N VAL A 5 -24.06 -10.50 -2.65
CA VAL A 5 -23.10 -11.60 -2.69
C VAL A 5 -23.07 -12.34 -1.36
N LEU A 6 -23.22 -13.65 -1.40
CA LEU A 6 -23.01 -14.49 -0.23
C LEU A 6 -21.55 -14.98 -0.21
N ILE A 7 -20.88 -14.73 0.92
CA ILE A 7 -19.47 -15.05 1.09
C ILE A 7 -19.39 -16.43 1.76
N ALA A 8 -19.16 -17.45 0.93
CA ALA A 8 -19.16 -18.83 1.41
C ALA A 8 -17.78 -19.25 1.85
N ASN A 9 -17.32 -18.62 2.93
CA ASN A 9 -15.99 -18.83 3.47
C ASN A 9 -15.88 -18.10 4.81
N ARG A 10 -14.66 -18.07 5.36
CA ARG A 10 -14.42 -17.54 6.69
C ARG A 10 -13.08 -16.81 6.73
N GLY A 11 -12.70 -16.33 7.90
CA GLY A 11 -11.34 -15.85 8.12
C GLY A 11 -10.96 -14.65 7.29
N GLU A 12 -9.71 -14.62 6.86
CA GLU A 12 -9.15 -13.43 6.20
C GLU A 12 -9.75 -13.28 4.82
N ILE A 13 -9.94 -14.39 4.13
CA ILE A 13 -10.47 -14.32 2.76
C ILE A 13 -11.92 -13.83 2.75
N ALA A 14 -12.73 -14.25 3.72
CA ALA A 14 -14.08 -13.68 3.87
C ALA A 14 -14.04 -12.15 4.02
N LEU A 15 -13.15 -11.65 4.88
CA LEU A 15 -12.99 -10.19 5.06
C LEU A 15 -12.50 -9.52 3.76
N ARG A 16 -11.59 -10.19 3.06
CA ARG A 16 -11.07 -9.70 1.78
C ARG A 16 -12.19 -9.48 0.78
N ILE A 17 -13.04 -10.49 0.61
CA ILE A 17 -14.15 -10.41 -0.31
C ILE A 17 -15.14 -9.33 0.14
N LEU A 18 -15.45 -9.29 1.44
CA LEU A 18 -16.36 -8.27 1.99
C LEU A 18 -15.91 -6.87 1.61
N ARG A 19 -14.63 -6.60 1.77
CA ARG A 19 -14.07 -5.31 1.39
C ARG A 19 -14.27 -4.99 -0.08
N ALA A 20 -13.96 -5.96 -0.95
CA ALA A 20 -14.18 -5.78 -2.39
C ALA A 20 -15.65 -5.47 -2.70
N CYS A 21 -16.55 -6.19 -2.03
CA CYS A 21 -17.98 -5.99 -2.21
C CYS A 21 -18.39 -4.57 -1.83
N LYS A 22 -17.99 -4.09 -0.66
CA LYS A 22 -18.34 -2.72 -0.23
C LYS A 22 -17.83 -1.68 -1.21
N GLU A 23 -16.61 -1.87 -1.72
CA GLU A 23 -16.06 -0.92 -2.70
C GLU A 23 -16.94 -0.84 -3.94
N LEU A 24 -17.52 -1.96 -4.32
CA LEU A 24 -18.40 -2.00 -5.50
C LEU A 24 -19.87 -1.73 -5.20
N GLY A 25 -20.22 -1.42 -3.95
CA GLY A 25 -21.62 -1.19 -3.58
C GLY A 25 -22.48 -2.46 -3.58
N ILE A 26 -21.85 -3.61 -3.35
CA ILE A 26 -22.55 -4.89 -3.32
C ILE A 26 -22.94 -5.22 -1.89
N LYS A 27 -24.19 -5.62 -1.68
CA LYS A 27 -24.63 -6.04 -0.37
C LYS A 27 -24.04 -7.41 -0.07
N THR A 28 -23.73 -7.63 1.21
CA THR A 28 -23.05 -8.84 1.63
C THR A 28 -23.88 -9.70 2.58
N VAL A 29 -23.71 -11.01 2.43
CA VAL A 29 -24.22 -11.99 3.37
C VAL A 29 -23.05 -12.83 3.83
N ALA A 30 -22.78 -12.83 5.13
CA ALA A 30 -21.77 -13.69 5.72
C ALA A 30 -22.45 -14.95 6.23
N VAL A 31 -21.78 -16.09 6.09
CA VAL A 31 -22.20 -17.32 6.75
C VAL A 31 -21.08 -17.75 7.67
N HIS A 32 -21.43 -18.35 8.81
CA HIS A 32 -20.45 -18.77 9.78
C HIS A 32 -20.95 -19.97 10.59
N SER A 33 -20.01 -20.72 11.16
CA SER A 33 -20.32 -21.77 12.11
C SER A 33 -20.49 -21.16 13.49
N THR A 34 -20.94 -21.97 14.45
CA THR A 34 -21.05 -21.55 15.84
C THR A 34 -19.68 -21.23 16.46
N ALA A 35 -18.62 -21.87 15.97
CA ALA A 35 -17.28 -21.61 16.49
C ALA A 35 -16.71 -20.29 15.97
N ASP A 36 -17.32 -19.73 14.91
CA ASP A 36 -16.83 -18.52 14.27
C ASP A 36 -17.69 -17.27 14.52
N ARG A 37 -18.46 -17.24 15.62
CA ARG A 37 -19.30 -16.08 15.96
C ARG A 37 -18.52 -14.78 16.16
N GLU A 38 -17.26 -14.88 16.55
CA GLU A 38 -16.40 -13.71 16.80
C GLU A 38 -15.68 -13.18 15.55
N LEU A 39 -15.88 -13.79 14.38
CA LEU A 39 -15.12 -13.38 13.20
C LEU A 39 -15.36 -11.92 12.87
N MET A 40 -14.27 -11.21 12.63
CA MET A 40 -14.30 -9.77 12.40
C MET A 40 -15.26 -9.33 11.30
N HIS A 41 -15.33 -10.09 10.22
CA HIS A 41 -16.12 -9.66 9.08
C HIS A 41 -17.63 -9.75 9.30
N LEU A 42 -18.08 -10.54 10.28
CA LEU A 42 -19.51 -10.72 10.51
C LEU A 42 -20.22 -9.41 10.80
N SER A 43 -19.73 -8.64 11.76
CA SER A 43 -20.39 -7.38 12.09
C SER A 43 -20.20 -6.28 11.03
N LEU A 44 -19.31 -6.48 10.05
CA LEU A 44 -19.20 -5.54 8.92
C LEU A 44 -20.15 -5.92 7.80
N ALA A 45 -20.66 -7.15 7.83
CA ALA A 45 -21.56 -7.65 6.79
C ALA A 45 -22.98 -7.08 6.96
N ASP A 46 -23.73 -7.02 5.87
CA ASP A 46 -25.11 -6.52 5.92
C ASP A 46 -26.04 -7.54 6.57
N GLU A 47 -25.78 -8.82 6.32
CA GLU A 47 -26.50 -9.91 6.92
C GLU A 47 -25.52 -11.02 7.31
N SER A 48 -25.87 -11.77 8.35
CA SER A 48 -25.03 -12.83 8.86
C SER A 48 -25.93 -14.02 9.20
N VAL A 49 -25.58 -15.21 8.73
CA VAL A 49 -26.37 -16.41 9.03
C VAL A 49 -25.50 -17.49 9.62
N CYS A 50 -25.94 -18.06 10.74
CA CYS A 50 -25.25 -19.16 11.36
C CYS A 50 -25.73 -20.44 10.71
N ILE A 51 -24.83 -21.11 9.98
CA ILE A 51 -25.23 -22.23 9.12
C ILE A 51 -24.98 -23.60 9.72
N GLY A 52 -24.40 -23.66 10.91
CA GLY A 52 -24.17 -24.96 11.53
C GLY A 52 -23.14 -24.97 12.64
N PRO A 53 -22.84 -26.16 13.16
CA PRO A 53 -21.90 -26.32 14.25
C PRO A 53 -20.47 -26.24 13.75
N ALA A 54 -19.52 -26.37 14.68
CA ALA A 54 -18.11 -26.05 14.45
C ALA A 54 -17.46 -26.79 13.28
N PRO A 55 -17.62 -28.11 13.23
CA PRO A 55 -16.89 -28.84 12.19
C PRO A 55 -17.24 -28.39 10.78
N ALA A 56 -16.21 -28.20 9.97
CA ALA A 56 -16.38 -27.73 8.60
C ALA A 56 -17.29 -28.66 7.79
N THR A 57 -17.21 -29.97 8.05
CA THR A 57 -18.09 -30.92 7.36
C THR A 57 -19.57 -30.74 7.69
N GLN A 58 -19.87 -30.08 8.82
CA GLN A 58 -21.25 -29.88 9.24
C GLN A 58 -21.73 -28.43 9.10
N SER A 59 -20.91 -27.58 8.49
CA SER A 59 -21.25 -26.17 8.29
C SER A 59 -20.80 -25.66 6.92
N TYR A 60 -19.54 -25.22 6.81
CA TYR A 60 -19.05 -24.57 5.58
C TYR A 60 -19.06 -25.47 4.36
N LEU A 61 -19.00 -26.78 4.55
CA LEU A 61 -19.01 -27.70 3.42
C LEU A 61 -20.41 -28.26 3.12
N GLN A 62 -21.42 -27.80 3.87
CA GLN A 62 -22.79 -28.28 3.66
C GLN A 62 -23.49 -27.46 2.56
N ILE A 63 -23.54 -28.03 1.34
CA ILE A 63 -24.15 -27.37 0.18
C ILE A 63 -25.61 -26.97 0.47
N PRO A 64 -26.43 -27.89 1.03
CA PRO A 64 -27.80 -27.47 1.37
C PRO A 64 -27.88 -26.23 2.27
N ALA A 65 -27.01 -26.16 3.28
CA ALA A 65 -27.04 -25.03 4.20
C ALA A 65 -26.74 -23.72 3.49
N ILE A 66 -25.69 -23.72 2.65
CA ILE A 66 -25.26 -22.51 1.98
C ILE A 66 -26.35 -22.06 1.01
N ILE A 67 -26.89 -23.00 0.26
CA ILE A 67 -27.93 -22.67 -0.71
C ILE A 67 -29.22 -22.18 -0.02
N ALA A 68 -29.61 -22.82 1.07
CA ALA A 68 -30.73 -22.32 1.88
C ALA A 68 -30.49 -20.88 2.36
N ALA A 69 -29.28 -20.59 2.80
CA ALA A 69 -28.93 -19.22 3.25
C ALA A 69 -29.01 -18.21 2.09
N ALA A 70 -28.56 -18.63 0.91
CA ALA A 70 -28.61 -17.78 -0.27
C ALA A 70 -30.07 -17.48 -0.61
N GLU A 71 -30.91 -18.50 -0.57
CA GLU A 71 -32.32 -18.33 -0.89
C GLU A 71 -33.06 -17.48 0.14
N VAL A 72 -32.84 -17.74 1.43
CA VAL A 72 -33.47 -16.92 2.47
C VAL A 72 -33.10 -15.45 2.33
N THR A 73 -31.83 -15.18 2.05
CA THR A 73 -31.34 -13.79 2.00
C THR A 73 -31.55 -13.09 0.65
N GLY A 74 -31.90 -13.85 -0.39
CA GLY A 74 -32.07 -13.26 -1.73
C GLY A 74 -30.74 -12.92 -2.37
N ALA A 75 -29.68 -13.63 -2.00
CA ALA A 75 -28.38 -13.43 -2.61
C ALA A 75 -28.48 -13.76 -4.09
N THR A 76 -27.81 -13.00 -4.93
CA THR A 76 -27.79 -13.30 -6.35
C THR A 76 -26.47 -13.97 -6.77
N ALA A 77 -25.44 -13.89 -5.95
CA ALA A 77 -24.17 -14.50 -6.29
C ALA A 77 -23.49 -15.06 -5.06
N ILE A 78 -22.64 -16.06 -5.28
CA ILE A 78 -21.85 -16.67 -4.23
C ILE A 78 -20.38 -16.62 -4.60
N HIS A 79 -19.57 -16.09 -3.69
CA HIS A 79 -18.11 -16.10 -3.80
C HIS A 79 -17.57 -17.12 -2.81
N PRO A 80 -16.92 -18.19 -3.31
CA PRO A 80 -16.41 -19.25 -2.44
C PRO A 80 -15.01 -19.06 -1.86
N GLY A 81 -14.33 -17.99 -2.23
CA GLY A 81 -12.96 -17.74 -1.76
C GLY A 81 -12.01 -18.85 -2.22
N TYR A 82 -11.15 -19.30 -1.32
CA TYR A 82 -10.25 -20.41 -1.58
C TYR A 82 -10.51 -21.47 -0.53
N GLY A 83 -10.23 -22.73 -0.88
CA GLY A 83 -10.60 -23.85 -0.04
C GLY A 83 -12.12 -24.03 0.03
N PHE A 84 -12.53 -24.84 1.00
CA PHE A 84 -13.91 -25.22 1.22
C PHE A 84 -14.58 -25.65 -0.08
N LEU A 85 -15.57 -24.92 -0.57
CA LEU A 85 -16.31 -25.34 -1.76
C LEU A 85 -15.83 -24.70 -3.08
N ALA A 86 -14.74 -23.94 -3.05
CA ALA A 86 -14.30 -23.17 -4.23
C ALA A 86 -14.02 -23.99 -5.48
N GLU A 87 -13.49 -25.20 -5.30
CA GLU A 87 -13.21 -26.11 -6.42
C GLU A 87 -14.02 -27.40 -6.31
N ASN A 88 -15.18 -27.30 -5.68
CA ASN A 88 -16.15 -28.39 -5.62
C ASN A 88 -17.14 -28.21 -6.80
N ALA A 89 -17.00 -29.05 -7.82
CA ALA A 89 -17.83 -28.91 -9.02
C ALA A 89 -19.32 -29.13 -8.74
N ASP A 90 -19.63 -30.02 -7.80
CA ASP A 90 -21.03 -30.26 -7.40
C ASP A 90 -21.69 -28.99 -6.88
N PHE A 91 -20.90 -28.14 -6.22
CA PHE A 91 -21.43 -26.91 -5.65
C PHE A 91 -21.67 -25.89 -6.74
N ALA A 92 -20.68 -25.68 -7.59
CA ALA A 92 -20.84 -24.77 -8.71
C ALA A 92 -22.03 -25.21 -9.55
N GLU A 93 -22.16 -26.52 -9.72
CA GLU A 93 -23.24 -27.08 -10.49
C GLU A 93 -24.64 -26.81 -9.91
N GLN A 94 -24.75 -26.89 -8.59
CA GLN A 94 -26.02 -26.64 -7.92
C GLN A 94 -26.39 -25.17 -8.05
N ILE A 95 -25.37 -24.33 -7.95
CA ILE A 95 -25.54 -22.89 -8.05
C ILE A 95 -26.06 -22.55 -9.44
N GLU A 96 -25.47 -23.19 -10.45
CA GLU A 96 -25.94 -23.04 -11.84
C GLU A 96 -27.41 -23.48 -11.96
N ARG A 97 -27.72 -24.67 -11.46
CA ARG A 97 -29.06 -25.25 -11.56
C ARG A 97 -30.15 -24.46 -10.83
N SER A 98 -29.75 -23.76 -9.78
CA SER A 98 -30.65 -22.93 -8.98
C SER A 98 -30.83 -21.52 -9.55
N GLY A 99 -30.00 -21.14 -10.51
CA GLY A 99 -30.13 -19.82 -11.13
C GLY A 99 -29.28 -18.72 -10.50
N PHE A 100 -28.48 -19.06 -9.49
CA PHE A 100 -27.51 -18.10 -8.92
C PHE A 100 -26.32 -17.93 -9.84
N THR A 101 -25.54 -16.88 -9.57
CA THR A 101 -24.24 -16.69 -10.19
C THR A 101 -23.16 -17.19 -9.22
N PHE A 102 -22.21 -17.95 -9.76
CA PHE A 102 -21.03 -18.38 -9.03
C PHE A 102 -19.91 -17.40 -9.39
N VAL A 103 -19.24 -16.79 -8.39
CA VAL A 103 -18.08 -15.95 -8.70
C VAL A 103 -16.88 -16.86 -8.90
N GLY A 104 -16.79 -17.39 -10.11
CA GLY A 104 -15.80 -18.37 -10.48
C GLY A 104 -16.21 -19.02 -11.79
N PRO A 105 -15.48 -20.06 -12.22
CA PRO A 105 -15.78 -20.69 -13.49
C PRO A 105 -16.92 -21.68 -13.40
N THR A 106 -17.28 -22.25 -14.55
CA THR A 106 -18.32 -23.28 -14.63
C THR A 106 -17.86 -24.61 -14.01
N ALA A 107 -18.82 -25.37 -13.50
CA ALA A 107 -18.60 -26.73 -12.99
C ALA A 107 -17.83 -27.58 -13.98
N GLU A 108 -18.22 -27.51 -15.24
CA GLU A 108 -17.56 -28.24 -16.32
C GLU A 108 -16.05 -27.94 -16.36
N VAL A 109 -15.69 -26.66 -16.23
CA VAL A 109 -14.29 -26.26 -16.28
C VAL A 109 -13.57 -26.67 -15.00
N ILE A 110 -14.25 -26.58 -13.86
CA ILE A 110 -13.67 -27.04 -12.60
C ILE A 110 -13.34 -28.54 -12.68
N ARG A 111 -14.19 -29.33 -13.33
CA ARG A 111 -13.95 -30.77 -13.47
C ARG A 111 -12.81 -31.04 -14.44
N LEU A 112 -12.81 -30.34 -15.57
CA LEU A 112 -11.75 -30.43 -16.56
C LEU A 112 -10.36 -30.28 -15.93
N MET A 113 -10.19 -29.21 -15.15
CA MET A 113 -8.88 -28.90 -14.60
C MET A 113 -8.61 -29.53 -13.24
N GLY A 114 -9.60 -30.22 -12.68
CA GLY A 114 -9.46 -30.94 -11.41
C GLY A 114 -9.10 -32.41 -11.59
N ASP A 115 -9.04 -32.85 -12.84
CA ASP A 115 -8.62 -34.21 -13.17
C ASP A 115 -7.26 -34.15 -13.90
N LYS A 116 -6.29 -34.89 -13.39
CA LYS A 116 -4.93 -34.76 -13.88
C LYS A 116 -4.83 -34.97 -15.40
N VAL A 117 -5.50 -36.01 -15.91
CA VAL A 117 -5.40 -36.37 -17.31
C VAL A 117 -6.02 -35.34 -18.24
N SER A 118 -7.24 -34.89 -17.93
CA SER A 118 -7.91 -33.91 -18.80
C SER A 118 -7.26 -32.54 -18.71
N ALA A 119 -6.73 -32.21 -17.53
CA ALA A 119 -5.98 -30.97 -17.34
C ALA A 119 -4.71 -30.96 -18.17
N LYS A 120 -3.99 -32.08 -18.13
CA LYS A 120 -2.77 -32.24 -18.90
C LYS A 120 -3.04 -32.07 -20.41
N ASP A 121 -4.09 -32.74 -20.89
N ASP A 121 -4.09 -32.74 -20.89
CA ASP A 121 -4.45 -32.67 -22.31
CA ASP A 121 -4.43 -32.69 -22.31
C ASP A 121 -4.81 -31.26 -22.74
C ASP A 121 -4.84 -31.27 -22.75
N ALA A 122 -5.59 -30.55 -21.90
CA ALA A 122 -5.94 -29.15 -22.18
C ALA A 122 -4.68 -28.25 -22.30
N MET A 123 -3.72 -28.43 -21.41
CA MET A 123 -2.50 -27.64 -21.49
C MET A 123 -1.66 -28.02 -22.71
N LYS A 124 -1.64 -29.31 -23.05
CA LYS A 124 -0.92 -29.79 -24.23
C LYS A 124 -1.44 -29.11 -25.52
N ARG A 125 -2.77 -29.05 -25.66
CA ARG A 125 -3.37 -28.34 -26.79
C ARG A 125 -2.97 -26.87 -26.85
N ALA A 126 -2.80 -26.24 -25.68
CA ALA A 126 -2.37 -24.84 -25.59
C ALA A 126 -0.85 -24.69 -25.75
N GLY A 127 -0.12 -25.80 -25.84
CA GLY A 127 1.31 -25.79 -26.11
C GLY A 127 2.21 -25.90 -24.90
N VAL A 128 1.64 -26.22 -23.74
CA VAL A 128 2.40 -26.29 -22.50
C VAL A 128 2.57 -27.75 -22.02
N PRO A 129 3.83 -28.19 -21.83
CA PRO A 129 4.07 -29.57 -21.41
C PRO A 129 4.06 -29.72 -19.90
N THR A 130 3.92 -30.96 -19.44
CA THR A 130 4.09 -31.31 -18.04
C THR A 130 5.57 -31.65 -17.78
N VAL A 131 5.91 -32.04 -16.55
CA VAL A 131 7.28 -32.46 -16.24
C VAL A 131 7.59 -33.62 -17.17
N PRO A 132 8.70 -33.53 -17.93
CA PRO A 132 8.97 -34.59 -18.89
C PRO A 132 9.13 -35.95 -18.22
N GLY A 133 8.61 -36.99 -18.88
CA GLY A 133 8.76 -38.35 -18.41
C GLY A 133 8.22 -39.31 -19.43
N SER A 134 8.10 -40.57 -19.03
CA SER A 134 7.31 -41.54 -19.79
C SER A 134 5.85 -41.17 -19.57
N ASP A 135 5.03 -41.29 -20.61
CA ASP A 135 3.61 -40.94 -20.50
C ASP A 135 2.77 -42.12 -20.96
N GLY A 136 2.32 -42.99 -20.05
CA GLY A 136 2.66 -43.04 -18.63
C GLY A 136 3.74 -44.07 -18.31
N PRO A 137 3.39 -45.38 -18.24
CA PRO A 137 4.37 -46.37 -17.82
C PRO A 137 5.55 -46.57 -18.79
N LEU A 138 6.73 -46.81 -18.23
CA LEU A 138 7.93 -47.04 -19.02
C LEU A 138 7.90 -48.47 -19.54
N PRO A 139 8.03 -48.66 -20.86
CA PRO A 139 7.94 -50.01 -21.42
C PRO A 139 9.16 -50.86 -21.10
N GLU A 140 8.97 -52.17 -21.19
CA GLU A 140 10.05 -53.14 -20.98
C GLU A 140 10.94 -53.27 -22.22
N ASP A 141 10.38 -52.97 -23.40
CA ASP A 141 11.17 -52.99 -24.64
C ASP A 141 12.34 -52.03 -24.47
N GLU A 142 13.55 -52.53 -24.69
CA GLU A 142 14.76 -51.80 -24.36
C GLU A 142 14.90 -50.51 -25.16
N GLU A 143 14.81 -50.61 -26.47
CA GLU A 143 15.09 -49.46 -27.32
C GLU A 143 14.03 -48.35 -27.22
N THR A 144 12.80 -48.73 -26.93
CA THR A 144 11.74 -47.77 -26.66
C THR A 144 11.97 -47.04 -25.33
N ALA A 145 12.48 -47.78 -24.34
CA ALA A 145 12.83 -47.21 -23.04
C ALA A 145 14.00 -46.23 -23.16
N LEU A 146 15.02 -46.61 -23.92
CA LEU A 146 16.19 -45.77 -24.12
C LEU A 146 15.86 -44.50 -24.90
N ALA A 147 14.95 -44.62 -25.87
CA ALA A 147 14.55 -43.49 -26.69
C ALA A 147 13.78 -42.45 -25.88
N ILE A 148 12.88 -42.93 -25.02
CA ILE A 148 12.12 -42.07 -24.12
C ILE A 148 13.05 -41.35 -23.12
N ALA A 149 13.97 -42.10 -22.52
CA ALA A 149 14.92 -41.51 -21.57
C ALA A 149 15.77 -40.42 -22.20
N ARG A 150 16.25 -40.66 -23.43
CA ARG A 150 17.12 -39.70 -24.11
C ARG A 150 16.45 -38.36 -24.36
N GLU A 151 15.17 -38.41 -24.74
N GLU A 151 15.18 -38.37 -24.76
CA GLU A 151 14.38 -37.21 -25.00
CA GLU A 151 14.47 -37.11 -24.99
C GLU A 151 14.12 -36.46 -23.69
C GLU A 151 14.09 -36.42 -23.67
N VAL A 152 13.81 -37.21 -22.64
CA VAL A 152 13.61 -36.64 -21.31
C VAL A 152 14.88 -35.95 -20.83
N GLY A 153 16.01 -36.60 -21.05
CA GLY A 153 17.33 -36.03 -20.69
C GLY A 153 17.74 -36.45 -19.28
N TYR A 154 18.96 -36.98 -19.18
CA TYR A 154 19.48 -37.49 -17.91
C TYR A 154 19.91 -36.33 -17.01
N PRO A 155 19.95 -36.56 -15.69
CA PRO A 155 19.51 -37.78 -14.98
C PRO A 155 18.00 -37.95 -15.00
N VAL A 156 17.54 -39.20 -14.87
CA VAL A 156 16.11 -39.51 -14.81
C VAL A 156 15.81 -40.27 -13.52
N ILE A 157 14.54 -40.22 -13.10
CA ILE A 157 14.08 -40.97 -11.93
C ILE A 157 13.13 -42.09 -12.36
N ILE A 158 13.29 -43.26 -11.75
CA ILE A 158 12.45 -44.41 -12.02
C ILE A 158 11.62 -44.72 -10.77
N LYS A 159 10.31 -44.50 -10.87
CA LYS A 159 9.39 -44.57 -9.73
C LYS A 159 8.49 -45.80 -9.86
N ALA A 160 8.10 -46.34 -8.70
CA ALA A 160 7.11 -47.43 -8.65
C ALA A 160 5.71 -46.82 -8.67
N ALA A 161 4.73 -47.62 -9.12
CA ALA A 161 3.32 -47.21 -9.16
C ALA A 161 2.87 -46.58 -7.83
N GLY A 162 3.37 -47.12 -6.72
CA GLY A 162 3.18 -46.51 -5.39
C GLY A 162 3.84 -45.14 -5.29
N GLY A 166 8.19 -41.36 -2.22
CA GLY A 166 9.64 -41.46 -2.04
C GLY A 166 10.11 -42.86 -1.68
N ARG A 167 9.45 -43.87 -2.22
CA ARG A 167 9.75 -45.28 -1.89
C ARG A 167 9.94 -46.16 -3.15
N GLY A 168 10.92 -47.07 -3.10
CA GLY A 168 11.31 -47.89 -4.26
C GLY A 168 11.69 -47.02 -5.44
N MET A 169 12.45 -45.96 -5.15
CA MET A 169 12.74 -44.88 -6.10
C MET A 169 14.23 -44.91 -6.41
N ARG A 170 14.59 -44.66 -7.67
CA ARG A 170 15.96 -44.87 -8.13
C ARG A 170 16.37 -43.88 -9.24
N VAL A 171 17.51 -43.23 -9.05
CA VAL A 171 18.06 -42.29 -10.04
C VAL A 171 19.00 -42.99 -11.03
N VAL A 172 18.82 -42.70 -12.32
CA VAL A 172 19.73 -43.18 -13.36
C VAL A 172 20.47 -41.98 -13.94
N TYR A 173 21.78 -42.03 -13.89
CA TYR A 173 22.64 -40.89 -14.23
C TYR A 173 23.05 -40.91 -15.69
N ASP A 174 23.23 -42.12 -16.20
CA ASP A 174 23.72 -42.35 -17.55
C ASP A 174 22.89 -43.45 -18.19
N GLU A 175 22.72 -43.37 -19.52
CA GLU A 175 21.85 -44.30 -20.23
C GLU A 175 22.35 -45.74 -20.27
N SER A 176 23.63 -45.95 -19.97
CA SER A 176 24.20 -47.29 -19.96
C SER A 176 23.67 -48.14 -18.79
N GLU A 177 23.03 -47.48 -17.84
CA GLU A 177 22.58 -48.12 -16.61
C GLU A 177 21.05 -48.18 -16.56
N LEU A 178 20.39 -47.69 -17.60
CA LEU A 178 18.93 -47.52 -17.60
C LEU A 178 18.15 -48.82 -17.54
N ILE A 179 18.43 -49.73 -18.48
CA ILE A 179 17.69 -50.98 -18.57
C ILE A 179 17.84 -51.77 -17.27
N LYS A 180 19.09 -51.97 -16.86
CA LYS A 180 19.41 -52.70 -15.63
C LYS A 180 18.67 -52.12 -14.41
N SER A 181 18.57 -50.80 -14.32
CA SER A 181 17.94 -50.15 -13.17
C SER A 181 16.42 -50.23 -13.21
N ALA A 182 15.83 -50.03 -14.38
CA ALA A 182 14.38 -50.18 -14.53
C ALA A 182 13.99 -51.62 -14.17
N LYS A 183 14.66 -52.58 -14.80
CA LYS A 183 14.50 -54.00 -14.49
C LYS A 183 14.36 -54.20 -12.97
N LEU A 184 15.32 -53.66 -12.22
CA LEU A 184 15.43 -53.89 -10.78
C LEU A 184 14.34 -53.21 -9.97
N THR A 185 13.82 -52.09 -10.47
CA THR A 185 12.76 -51.36 -9.77
C THR A 185 11.42 -52.07 -9.91
N ARG A 186 11.23 -52.77 -11.03
CA ARG A 186 10.03 -53.60 -11.23
C ARG A 186 10.03 -54.79 -10.28
N THR A 187 11.17 -55.47 -10.18
CA THR A 187 11.30 -56.62 -9.27
C THR A 187 10.97 -56.23 -7.83
N GLU A 188 11.32 -55.02 -7.43
CA GLU A 188 11.00 -54.51 -6.09
C GLU A 188 9.53 -54.06 -5.97
N ALA A 189 8.63 -54.91 -6.47
CA ALA A 189 7.18 -54.69 -6.38
C ALA A 189 6.46 -55.73 -7.25
N GLY A 190 6.04 -56.88 -6.70
CA GLY A 190 6.11 -57.19 -5.27
C GLY A 190 7.49 -57.53 -4.77
N PHE A 193 5.07 -53.34 -2.98
CA PHE A 193 3.70 -52.88 -3.19
C PHE A 193 2.84 -53.94 -3.89
N GLY A 194 3.47 -54.82 -4.67
CA GLY A 194 2.78 -55.88 -5.42
C GLY A 194 2.73 -55.63 -6.92
N ASN A 195 2.57 -54.37 -7.31
CA ASN A 195 2.47 -53.94 -8.71
C ASN A 195 3.85 -53.68 -9.36
N PRO A 196 4.20 -54.42 -10.45
CA PRO A 196 5.46 -54.20 -11.15
C PRO A 196 5.38 -53.17 -12.31
N MET A 197 4.66 -52.08 -12.08
CA MET A 197 4.61 -50.96 -13.03
C MET A 197 5.61 -49.90 -12.58
N VAL A 198 6.47 -49.45 -13.48
CA VAL A 198 7.35 -48.31 -13.21
C VAL A 198 7.23 -47.24 -14.29
N TYR A 199 7.39 -45.99 -13.87
CA TYR A 199 7.43 -44.89 -14.83
C TYR A 199 8.66 -44.00 -14.63
N LEU A 200 8.94 -43.19 -15.65
CA LEU A 200 10.16 -42.41 -15.73
C LEU A 200 9.80 -40.96 -15.58
N GLU A 201 10.68 -40.20 -14.93
CA GLU A 201 10.43 -38.81 -14.65
C GLU A 201 11.76 -38.06 -14.66
N LYS A 202 11.78 -36.87 -15.25
CA LYS A 202 13.01 -36.08 -15.30
C LYS A 202 13.44 -35.64 -13.90
N PHE A 203 14.71 -35.83 -13.57
CA PHE A 203 15.27 -35.23 -12.37
C PHE A 203 15.47 -33.74 -12.61
N LEU A 204 14.90 -32.92 -11.74
CA LEU A 204 15.06 -31.47 -11.82
C LEU A 204 16.06 -31.05 -10.76
N THR A 205 17.02 -30.23 -11.15
CA THR A 205 18.13 -29.83 -10.28
C THR A 205 17.79 -28.64 -9.41
N ASN A 206 17.04 -27.70 -9.98
CA ASN A 206 16.73 -26.46 -9.28
C ASN A 206 15.24 -26.07 -9.43
N PRO A 207 14.33 -26.98 -9.02
CA PRO A 207 12.92 -26.79 -9.29
C PRO A 207 12.33 -25.68 -8.44
N ARG A 208 11.81 -24.66 -9.10
CA ARG A 208 11.16 -23.54 -8.43
C ARG A 208 9.66 -23.55 -8.70
N HIS A 209 8.87 -23.19 -7.71
CA HIS A 209 7.42 -23.03 -7.86
C HIS A 209 7.17 -21.63 -8.39
N VAL A 210 6.81 -21.54 -9.67
CA VAL A 210 6.46 -20.28 -10.29
C VAL A 210 5.08 -20.44 -10.89
N GLU A 211 4.21 -19.48 -10.62
CA GLU A 211 2.81 -19.58 -11.05
C GLU A 211 2.34 -18.30 -11.72
N VAL A 212 1.44 -18.45 -12.68
CA VAL A 212 0.96 -17.34 -13.51
C VAL A 212 -0.48 -17.03 -13.12
N GLN A 213 -0.74 -15.76 -12.81
CA GLN A 213 -2.08 -15.30 -12.45
C GLN A 213 -2.81 -14.84 -13.69
N VAL A 214 -4.06 -15.30 -13.84
CA VAL A 214 -4.90 -14.84 -14.95
C VAL A 214 -6.28 -14.36 -14.49
N LEU A 215 -6.87 -13.51 -15.32
CA LEU A 215 -8.27 -13.13 -15.23
C LEU A 215 -8.85 -13.35 -16.61
N SER A 216 -10.06 -13.88 -16.66
CA SER A 216 -10.71 -14.23 -17.93
C SER A 216 -12.21 -13.95 -17.82
N ASP A 217 -12.81 -13.31 -18.81
CA ASP A 217 -14.21 -12.87 -18.66
C ASP A 217 -15.28 -13.87 -19.14
N GLY A 218 -14.85 -14.96 -19.77
CA GLY A 218 -15.79 -15.93 -20.32
C GLY A 218 -16.48 -15.41 -21.57
N GLN A 219 -16.02 -14.29 -22.10
CA GLN A 219 -16.58 -13.71 -23.32
C GLN A 219 -15.48 -13.54 -24.36
N GLY A 220 -14.41 -14.34 -24.26
CA GLY A 220 -13.32 -14.33 -25.25
C GLY A 220 -12.07 -13.55 -24.87
N ASN A 221 -12.07 -12.93 -23.70
CA ASN A 221 -10.91 -12.14 -23.26
C ASN A 221 -10.27 -12.74 -22.03
N ALA A 222 -8.94 -12.72 -22.02
CA ALA A 222 -8.17 -13.15 -20.85
C ALA A 222 -6.85 -12.39 -20.82
N ILE A 223 -6.39 -12.08 -19.61
CA ILE A 223 -5.12 -11.43 -19.41
C ILE A 223 -4.36 -12.14 -18.32
N HIS A 224 -3.04 -11.92 -18.30
CA HIS A 224 -2.22 -12.32 -17.17
C HIS A 224 -1.91 -11.11 -16.30
N LEU A 225 -1.65 -11.37 -15.03
CA LEU A 225 -1.18 -10.37 -14.09
C LEU A 225 0.23 -10.76 -13.59
N GLY A 226 1.07 -11.25 -14.50
CA GLY A 226 2.43 -11.62 -14.17
C GLY A 226 2.48 -12.92 -13.39
N ASP A 227 3.62 -13.17 -12.72
CA ASP A 227 3.82 -14.41 -12.02
C ASP A 227 4.26 -14.20 -10.58
N ARG A 228 4.38 -15.33 -9.87
CA ARG A 228 4.81 -15.33 -8.49
C ARG A 228 5.72 -16.51 -8.26
N ASP A 229 6.62 -16.38 -7.29
CA ASP A 229 7.44 -17.48 -6.82
C ASP A 229 6.96 -17.85 -5.44
N CYS A 230 6.67 -19.12 -5.23
CA CYS A 230 6.22 -19.61 -3.94
C CYS A 230 7.06 -20.82 -3.53
N SER A 231 8.37 -20.68 -3.69
CA SER A 231 9.25 -21.85 -3.51
C SER A 231 9.52 -22.19 -2.05
N LEU A 232 9.43 -21.21 -1.15
CA LEU A 232 9.60 -21.47 0.28
C LEU A 232 8.37 -22.20 0.79
N GLN A 233 8.48 -23.52 0.88
CA GLN A 233 7.36 -24.36 1.29
C GLN A 233 7.76 -25.34 2.36
N ARG A 234 6.82 -25.65 3.24
CA ARG A 234 7.00 -26.71 4.24
C ARG A 234 5.85 -27.69 4.14
N ARG A 235 6.17 -28.95 3.86
CA ARG A 235 5.17 -30.00 3.64
C ARG A 235 4.17 -29.57 2.57
N HIS A 236 4.69 -28.87 1.56
CA HIS A 236 3.88 -28.34 0.45
C HIS A 236 2.92 -27.21 0.86
N GLN A 237 3.07 -26.70 2.08
CA GLN A 237 2.38 -25.47 2.48
C GLN A 237 3.28 -24.26 2.22
N LYS A 238 2.77 -23.28 1.48
CA LYS A 238 3.53 -22.06 1.17
C LYS A 238 3.73 -21.24 2.43
N VAL A 239 4.88 -20.57 2.53
CA VAL A 239 5.24 -19.78 3.71
C VAL A 239 5.39 -18.29 3.37
N ILE A 240 6.23 -18.02 2.38
CA ILE A 240 6.43 -16.68 1.85
C ILE A 240 6.25 -16.75 0.35
N GLU A 241 5.62 -15.73 -0.22
CA GLU A 241 5.47 -15.62 -1.67
C GLU A 241 5.94 -14.27 -2.17
N GLU A 242 6.36 -14.22 -3.42
CA GLU A 242 6.79 -12.96 -4.01
C GLU A 242 6.35 -12.80 -5.45
N ALA A 243 6.31 -11.56 -5.90
CA ALA A 243 5.97 -11.23 -7.28
C ALA A 243 6.79 -10.01 -7.71
N PRO A 244 7.28 -10.01 -8.94
CA PRO A 244 7.29 -11.13 -9.89
C PRO A 244 8.28 -12.17 -9.40
N ALA A 245 8.28 -13.35 -10.00
CA ALA A 245 9.31 -14.34 -9.71
C ALA A 245 10.62 -13.73 -10.18
N PRO A 246 11.66 -13.72 -9.34
CA PRO A 246 12.93 -13.14 -9.78
C PRO A 246 13.74 -14.08 -10.63
N GLY A 247 14.63 -13.54 -11.47
CA GLY A 247 15.60 -14.33 -12.22
C GLY A 247 14.97 -15.38 -13.11
N ILE A 248 14.04 -14.95 -13.96
CA ILE A 248 13.34 -15.84 -14.89
C ILE A 248 13.73 -15.43 -16.30
N ASP A 249 14.00 -16.41 -17.16
CA ASP A 249 14.32 -16.14 -18.56
C ASP A 249 13.13 -15.42 -19.20
N GLU A 250 13.36 -14.19 -19.64
CA GLU A 250 12.27 -13.32 -20.11
C GLU A 250 11.53 -13.90 -21.33
N LYS A 251 12.24 -14.51 -22.28
CA LYS A 251 11.58 -15.15 -23.44
C LYS A 251 10.65 -16.29 -23.01
N ALA A 252 11.15 -17.16 -22.14
CA ALA A 252 10.36 -18.30 -21.66
C ALA A 252 9.13 -17.83 -20.91
N ARG A 253 9.28 -16.76 -20.14
CA ARG A 253 8.20 -16.13 -19.40
C ARG A 253 7.09 -15.61 -20.33
N GLN A 254 7.48 -14.82 -21.31
CA GLN A 254 6.51 -14.27 -22.25
C GLN A 254 5.79 -15.36 -23.03
N GLU A 255 6.48 -16.45 -23.32
CA GLU A 255 5.88 -17.57 -24.04
C GLU A 255 4.83 -18.24 -23.16
N VAL A 256 5.17 -18.47 -21.87
CA VAL A 256 4.26 -19.15 -20.99
C VAL A 256 3.06 -18.26 -20.62
N PHE A 257 3.29 -16.96 -20.48
CA PHE A 257 2.16 -15.99 -20.34
C PHE A 257 1.18 -16.14 -21.51
N ALA A 258 1.69 -16.10 -22.73
CA ALA A 258 0.85 -16.20 -23.93
C ALA A 258 0.07 -17.52 -23.99
N ARG A 259 0.74 -18.62 -23.66
CA ARG A 259 0.11 -19.94 -23.63
C ARG A 259 -0.98 -20.05 -22.55
N CYS A 260 -0.77 -19.42 -21.40
CA CYS A 260 -1.76 -19.44 -20.31
C CYS A 260 -3.03 -18.69 -20.72
N VAL A 261 -2.84 -17.52 -21.35
CA VAL A 261 -3.95 -16.74 -21.88
C VAL A 261 -4.71 -17.53 -22.95
N GLN A 262 -3.98 -18.18 -23.85
CA GLN A 262 -4.59 -19.01 -24.90
C GLN A 262 -5.40 -20.13 -24.25
N ALA A 263 -4.82 -20.82 -23.28
CA ALA A 263 -5.53 -21.88 -22.55
C ALA A 263 -6.89 -21.41 -22.02
N CYS A 264 -6.91 -20.22 -21.41
CA CYS A 264 -8.15 -19.66 -20.86
C CYS A 264 -9.24 -19.61 -21.90
N ILE A 265 -8.88 -19.09 -23.07
CA ILE A 265 -9.79 -18.93 -24.19
C ILE A 265 -10.24 -20.30 -24.68
N GLU A 266 -9.32 -21.26 -24.76
CA GLU A 266 -9.64 -22.59 -25.29
C GLU A 266 -10.58 -23.38 -24.39
N ILE A 267 -10.34 -23.36 -23.08
CA ILE A 267 -11.19 -24.11 -22.14
C ILE A 267 -12.44 -23.35 -21.71
N GLY A 268 -12.59 -22.09 -22.16
CA GLY A 268 -13.71 -21.24 -21.76
C GLY A 268 -13.66 -20.82 -20.29
N TYR A 269 -12.49 -20.41 -19.81
CA TYR A 269 -12.33 -20.07 -18.40
C TYR A 269 -12.97 -18.72 -18.09
N ARG A 270 -13.63 -18.66 -16.93
CA ARG A 270 -14.27 -17.43 -16.46
C ARG A 270 -13.89 -17.19 -15.00
N GLY A 271 -13.28 -16.04 -14.73
CA GLY A 271 -12.92 -15.64 -13.37
C GLY A 271 -11.43 -15.53 -13.16
N ALA A 272 -11.01 -15.62 -11.91
CA ALA A 272 -9.60 -15.59 -11.54
C ALA A 272 -9.09 -17.03 -11.50
N GLY A 273 -7.89 -17.26 -12.00
CA GLY A 273 -7.28 -18.59 -11.91
C GLY A 273 -5.76 -18.53 -11.93
N THR A 274 -5.13 -19.61 -11.53
CA THR A 274 -3.68 -19.67 -11.47
C THR A 274 -3.14 -20.92 -12.10
N PHE A 275 -2.17 -20.76 -13.00
CA PHE A 275 -1.43 -21.89 -13.54
C PHE A 275 -0.12 -22.09 -12.74
N GLU A 276 -0.02 -23.22 -12.03
CA GLU A 276 1.16 -23.54 -11.25
C GLU A 276 2.19 -24.30 -12.10
N PHE A 277 3.44 -23.85 -12.02
CA PHE A 277 4.53 -24.53 -12.74
C PHE A 277 5.71 -24.84 -11.84
N LEU A 278 6.46 -25.89 -12.21
CA LEU A 278 7.84 -26.02 -11.79
C LEU A 278 8.68 -25.34 -12.86
N TYR A 279 9.50 -24.39 -12.44
CA TYR A 279 10.42 -23.70 -13.33
C TYR A 279 11.80 -24.26 -13.05
N GLU A 280 12.42 -24.80 -14.09
CA GLU A 280 13.73 -25.44 -14.00
C GLU A 280 14.64 -24.85 -15.05
N ASN A 281 15.55 -23.98 -14.60
CA ASN A 281 16.55 -23.33 -15.42
C ASN A 281 16.12 -23.13 -16.87
N GLY A 282 15.16 -22.22 -17.04
CA GLY A 282 14.74 -21.76 -18.36
C GLY A 282 13.48 -22.37 -18.91
N ARG A 283 12.97 -23.45 -18.31
CA ARG A 283 11.78 -24.12 -18.81
C ARG A 283 10.66 -24.23 -17.79
N PHE A 284 9.43 -24.06 -18.26
CA PHE A 284 8.24 -24.16 -17.41
C PHE A 284 7.59 -25.52 -17.62
N TYR A 285 7.32 -26.22 -16.52
CA TYR A 285 6.56 -27.48 -16.59
C TYR A 285 5.30 -27.37 -15.74
N PHE A 286 4.16 -27.64 -16.36
CA PHE A 286 2.84 -27.50 -15.73
C PHE A 286 2.57 -28.57 -14.67
N ILE A 287 2.02 -28.14 -13.54
CA ILE A 287 1.61 -29.01 -12.45
C ILE A 287 0.09 -29.05 -12.32
N GLU A 288 -0.53 -27.88 -12.12
CA GLU A 288 -1.98 -27.78 -12.04
C GLU A 288 -2.50 -26.36 -12.14
N MET A 289 -3.78 -26.27 -12.45
CA MET A 289 -4.48 -24.99 -12.44
C MET A 289 -5.38 -24.93 -11.23
N ASN A 290 -5.25 -23.87 -10.45
CA ASN A 290 -6.20 -23.58 -9.39
C ASN A 290 -7.31 -22.72 -9.98
N THR A 291 -8.53 -23.26 -9.98
CA THR A 291 -9.68 -22.64 -10.64
C THR A 291 -10.43 -21.79 -9.61
N ARG A 292 -9.74 -20.77 -9.11
CA ARG A 292 -10.18 -20.01 -7.96
C ARG A 292 -9.14 -18.96 -7.62
N VAL A 293 -9.50 -18.04 -6.73
CA VAL A 293 -8.54 -17.10 -6.20
C VAL A 293 -7.60 -17.85 -5.27
N GLN A 294 -6.40 -17.32 -5.07
CA GLN A 294 -5.42 -17.91 -4.15
C GLN A 294 -5.08 -16.99 -3.00
N VAL A 295 -4.56 -17.60 -1.94
CA VAL A 295 -4.11 -16.88 -0.76
C VAL A 295 -3.17 -15.75 -1.15
N GLU A 296 -2.24 -16.02 -2.05
CA GLU A 296 -1.13 -15.09 -2.33
C GLU A 296 -1.43 -14.06 -3.42
N HIS A 297 -2.70 -13.94 -3.78
CA HIS A 297 -3.09 -12.95 -4.79
C HIS A 297 -2.60 -11.51 -4.51
N PRO A 298 -2.54 -11.08 -3.23
CA PRO A 298 -2.11 -9.70 -2.97
C PRO A 298 -0.75 -9.26 -3.56
N VAL A 299 0.24 -10.15 -3.62
CA VAL A 299 1.53 -9.74 -4.19
C VAL A 299 1.38 -9.33 -5.66
N SER A 300 0.55 -10.04 -6.42
CA SER A 300 0.26 -9.64 -7.80
C SER A 300 -0.55 -8.36 -7.87
N GLU A 301 -1.43 -8.15 -6.90
CA GLU A 301 -2.15 -6.88 -6.84
C GLU A 301 -1.20 -5.72 -6.67
N MET A 302 -0.19 -5.87 -5.81
CA MET A 302 0.73 -4.78 -5.50
C MET A 302 1.55 -4.36 -6.72
N VAL A 303 2.15 -5.33 -7.40
CA VAL A 303 3.02 -5.05 -8.54
C VAL A 303 2.27 -4.66 -9.84
N THR A 304 0.96 -4.88 -9.90
CA THR A 304 0.17 -4.53 -11.10
C THR A 304 -0.81 -3.40 -10.91
N GLY A 305 -1.20 -3.12 -9.65
CA GLY A 305 -2.24 -2.13 -9.37
C GLY A 305 -3.66 -2.59 -9.72
N VAL A 306 -3.81 -3.87 -10.08
CA VAL A 306 -5.12 -4.45 -10.38
C VAL A 306 -5.69 -5.13 -9.13
N ASP A 307 -6.95 -4.87 -8.83
CA ASP A 307 -7.63 -5.50 -7.70
C ASP A 307 -8.28 -6.79 -8.19
N ILE A 308 -7.72 -7.92 -7.80
CA ILE A 308 -8.12 -9.20 -8.35
C ILE A 308 -9.54 -9.59 -7.93
N VAL A 309 -9.85 -9.42 -6.65
CA VAL A 309 -11.19 -9.74 -6.18
C VAL A 309 -12.25 -8.81 -6.81
N LYS A 310 -11.97 -7.52 -6.94
CA LYS A 310 -12.93 -6.64 -7.59
C LYS A 310 -13.22 -7.04 -9.03
N GLU A 311 -12.17 -7.41 -9.77
CA GLU A 311 -12.34 -7.89 -11.16
C GLU A 311 -13.15 -9.18 -11.24
N MET A 312 -12.93 -10.11 -10.31
CA MET A 312 -13.76 -11.32 -10.22
C MET A 312 -15.22 -10.94 -10.14
N LEU A 313 -15.51 -9.99 -9.27
CA LEU A 313 -16.90 -9.58 -9.05
C LEU A 313 -17.48 -8.90 -10.29
N ARG A 314 -16.69 -8.05 -10.94
CA ARG A 314 -17.13 -7.39 -12.18
C ARG A 314 -17.44 -8.43 -13.26
N ILE A 315 -16.55 -9.39 -13.42
CA ILE A 315 -16.71 -10.47 -14.39
C ILE A 315 -17.96 -11.31 -14.10
N ALA A 316 -18.14 -11.66 -12.84
CA ALA A 316 -19.32 -12.41 -12.40
C ALA A 316 -20.62 -11.65 -12.66
N SER A 317 -20.56 -10.32 -12.66
CA SER A 317 -21.76 -9.53 -12.90
C SER A 317 -22.09 -9.38 -14.39
N GLY A 318 -21.23 -9.91 -15.27
CA GLY A 318 -21.47 -9.92 -16.71
C GLY A 318 -20.63 -8.98 -17.55
N GLU A 319 -19.73 -8.24 -16.92
CA GLU A 319 -18.86 -7.29 -17.63
C GLU A 319 -17.71 -8.01 -18.32
N LYS A 320 -17.31 -7.50 -19.48
CA LYS A 320 -16.02 -7.85 -20.07
C LYS A 320 -14.92 -7.13 -19.28
N LEU A 321 -13.68 -7.64 -19.34
CA LEU A 321 -12.49 -6.87 -18.92
C LEU A 321 -12.58 -5.62 -19.79
N SER A 322 -12.78 -4.39 -19.30
CA SER A 322 -11.88 -3.46 -18.53
C SER A 322 -10.41 -3.39 -18.99
N ILE A 323 -9.56 -4.23 -18.41
CA ILE A 323 -8.13 -4.10 -18.60
C ILE A 323 -7.65 -4.86 -19.84
N ARG A 324 -6.94 -4.16 -20.72
CA ARG A 324 -6.20 -4.81 -21.80
C ARG A 324 -4.82 -5.25 -21.26
N GLN A 325 -4.17 -6.19 -21.95
CA GLN A 325 -2.85 -6.64 -21.53
C GLN A 325 -1.83 -5.50 -21.52
N GLU A 326 -1.92 -4.62 -22.51
CA GLU A 326 -1.00 -3.48 -22.62
C GLU A 326 -1.11 -2.50 -21.44
N ASP A 327 -2.25 -2.51 -20.73
CA ASP A 327 -2.44 -1.71 -19.52
C ASP A 327 -1.85 -2.37 -18.27
N VAL A 328 -1.40 -3.62 -18.40
CA VAL A 328 -0.82 -4.34 -17.28
C VAL A 328 0.71 -4.21 -17.34
N VAL A 329 1.28 -3.46 -16.40
CA VAL A 329 2.72 -3.33 -16.30
C VAL A 329 3.17 -3.74 -14.88
N ILE A 330 4.08 -4.72 -14.81
CA ILE A 330 4.67 -5.16 -13.55
C ILE A 330 5.70 -4.12 -13.12
N ARG A 331 5.45 -3.44 -12.01
CA ARG A 331 6.40 -2.45 -11.49
C ARG A 331 6.74 -2.80 -10.04
N GLY A 332 8.03 -2.73 -9.71
CA GLY A 332 8.48 -3.00 -8.36
C GLY A 332 8.40 -4.47 -8.01
N HIS A 333 8.37 -4.76 -6.71
CA HIS A 333 8.44 -6.12 -6.20
C HIS A 333 7.65 -6.21 -4.90
N ALA A 334 6.99 -7.35 -4.69
CA ALA A 334 6.14 -7.52 -3.51
C ALA A 334 6.46 -8.82 -2.80
N LEU A 335 6.28 -8.82 -1.48
CA LEU A 335 6.46 -9.99 -0.63
C LEU A 335 5.28 -10.17 0.27
N GLU A 336 4.95 -11.43 0.57
CA GLU A 336 3.90 -11.78 1.53
C GLU A 336 4.42 -12.83 2.52
N CYS A 337 4.22 -12.56 3.81
CA CYS A 337 4.47 -13.54 4.85
C CYS A 337 3.14 -14.00 5.42
N ARG A 338 2.90 -15.32 5.41
CA ARG A 338 1.72 -15.90 6.04
C ARG A 338 1.94 -16.04 7.53
N ILE A 339 1.15 -15.32 8.30
CA ILE A 339 1.22 -15.39 9.75
C ILE A 339 0.26 -16.48 10.18
N ASN A 340 0.81 -17.56 10.70
CA ASN A 340 0.03 -18.71 11.15
C ASN A 340 0.05 -18.82 12.65
N ALA A 341 -1.09 -19.15 13.26
CA ALA A 341 -1.14 -19.44 14.70
C ALA A 341 -0.65 -20.88 14.92
N GLU A 342 0.66 -21.00 15.05
CA GLU A 342 1.32 -22.29 15.26
C GLU A 342 2.66 -22.06 15.95
N ASP A 343 3.25 -23.10 16.50
CA ASP A 343 4.61 -22.96 17.03
C ASP A 343 5.61 -22.65 15.91
N PRO A 344 6.51 -21.66 16.11
CA PRO A 344 7.46 -21.32 15.03
C PRO A 344 8.55 -22.39 14.77
N LYS A 345 8.66 -23.38 15.65
CA LYS A 345 9.65 -24.45 15.49
C LYS A 345 9.04 -25.87 15.36
N THR A 346 7.93 -26.16 16.03
CA THR A 346 7.30 -27.49 15.96
C THR A 346 6.03 -27.54 15.11
N PHE A 347 5.54 -26.36 14.71
CA PHE A 347 4.38 -26.22 13.80
C PHE A 347 3.07 -26.85 14.29
N MET A 348 2.94 -26.86 15.62
CA MET A 348 1.75 -27.31 16.30
C MET A 348 0.79 -26.13 16.36
N PRO A 349 -0.45 -26.30 15.85
CA PRO A 349 -1.41 -25.19 15.92
C PRO A 349 -1.52 -24.62 17.34
N SER A 350 -1.76 -23.31 17.42
CA SER A 350 -1.88 -22.64 18.68
C SER A 350 -3.18 -21.85 18.67
N PRO A 351 -4.31 -22.54 18.94
CA PRO A 351 -5.55 -21.83 19.21
C PRO A 351 -5.45 -21.07 20.53
N GLY A 352 -6.29 -20.07 20.73
CA GLY A 352 -6.26 -19.28 21.95
C GLY A 352 -6.68 -17.83 21.77
N LYS A 353 -6.68 -17.10 22.87
CA LYS A 353 -7.13 -15.72 22.90
C LYS A 353 -6.00 -14.76 22.58
N VAL A 354 -6.28 -13.83 21.67
CA VAL A 354 -5.32 -12.79 21.35
C VAL A 354 -5.56 -11.65 22.31
N LYS A 355 -4.66 -11.47 23.27
CA LYS A 355 -4.81 -10.40 24.25
C LYS A 355 -4.56 -9.04 23.60
N HIS A 356 -3.60 -9.01 22.68
CA HIS A 356 -3.17 -7.76 22.04
C HIS A 356 -2.68 -8.04 20.63
N PHE A 357 -3.25 -7.32 19.67
CA PHE A 357 -2.85 -7.42 18.28
C PHE A 357 -2.43 -6.03 17.84
N HIS A 358 -1.19 -5.90 17.37
CA HIS A 358 -0.75 -4.66 16.74
C HIS A 358 -0.26 -4.95 15.35
N ALA A 359 -0.77 -4.21 14.37
CA ALA A 359 -0.41 -4.42 12.96
C ALA A 359 0.72 -3.47 12.57
N PRO A 360 1.60 -3.92 11.66
CA PRO A 360 2.58 -3.01 11.10
C PRO A 360 1.94 -1.99 10.17
N GLY A 361 2.58 -0.85 10.00
CA GLY A 361 2.08 0.21 9.13
C GLY A 361 3.21 0.90 8.38
N GLY A 362 2.88 2.05 7.78
CA GLY A 362 3.85 2.82 6.99
C GLY A 362 3.82 2.54 5.50
N ASN A 363 4.78 3.13 4.79
CA ASN A 363 4.82 3.11 3.34
C ASN A 363 5.16 1.72 2.81
N GLY A 364 4.31 1.19 1.94
CA GLY A 364 4.56 -0.08 1.29
C GLY A 364 4.23 -1.27 2.16
N VAL A 365 3.44 -1.05 3.22
CA VAL A 365 3.05 -2.11 4.12
C VAL A 365 1.54 -2.28 4.09
N ARG A 366 1.11 -3.46 3.68
CA ARG A 366 -0.28 -3.84 3.64
C ARG A 366 -0.50 -5.03 4.55
N VAL A 367 -1.65 -5.05 5.24
CA VAL A 367 -1.99 -6.14 6.14
C VAL A 367 -3.41 -6.66 5.85
N ASP A 368 -3.49 -7.94 5.49
CA ASP A 368 -4.77 -8.61 5.28
C ASP A 368 -4.97 -9.62 6.40
N SER A 369 -5.76 -9.25 7.39
CA SER A 369 -5.95 -10.09 8.56
C SER A 369 -7.28 -9.81 9.23
N HIS A 370 -7.86 -10.86 9.81
CA HIS A 370 -9.10 -10.74 10.61
C HIS A 370 -8.80 -10.72 12.11
N LEU A 371 -7.52 -10.74 12.48
CA LEU A 371 -7.15 -10.63 13.89
C LEU A 371 -7.60 -9.33 14.52
N TYR A 372 -7.94 -9.40 15.79
CA TYR A 372 -8.13 -8.20 16.59
C TYR A 372 -7.95 -8.55 18.05
N SER A 373 -7.74 -7.54 18.88
CA SER A 373 -7.51 -7.75 20.30
C SER A 373 -8.76 -8.25 20.98
N GLY A 374 -8.67 -9.38 21.67
CA GLY A 374 -9.81 -10.04 22.30
C GLY A 374 -10.38 -11.20 21.51
N TYR A 375 -9.92 -11.37 20.28
CA TYR A 375 -10.37 -12.45 19.41
C TYR A 375 -9.74 -13.77 19.82
N SER A 376 -10.54 -14.83 19.84
CA SER A 376 -10.02 -16.18 20.07
C SER A 376 -9.93 -16.92 18.74
N VAL A 377 -8.73 -17.41 18.42
CA VAL A 377 -8.54 -18.29 17.29
C VAL A 377 -9.07 -19.66 17.70
N PRO A 378 -10.03 -20.20 16.94
CA PRO A 378 -10.61 -21.49 17.28
C PRO A 378 -9.70 -22.63 16.84
N PRO A 379 -9.82 -23.81 17.48
CA PRO A 379 -9.00 -24.97 17.11
C PRO A 379 -9.43 -25.68 15.82
N ASN A 380 -10.64 -25.41 15.35
CA ASN A 380 -11.30 -26.24 14.33
C ASN A 380 -10.75 -26.13 12.89
N TYR A 381 -10.24 -24.96 12.51
CA TYR A 381 -9.93 -24.68 11.10
C TYR A 381 -8.41 -24.51 10.90
N ASP A 382 -7.98 -24.07 9.72
CA ASP A 382 -6.55 -23.97 9.44
C ASP A 382 -5.91 -22.90 10.33
N SER A 383 -4.60 -22.74 10.23
CA SER A 383 -3.86 -21.86 11.13
C SER A 383 -3.62 -20.43 10.61
N LEU A 384 -4.01 -20.12 9.38
CA LEU A 384 -3.77 -18.78 8.80
C LEU A 384 -4.56 -17.71 9.54
N VAL A 385 -3.86 -16.75 10.15
CA VAL A 385 -4.51 -15.65 10.88
C VAL A 385 -4.26 -14.27 10.26
N GLY A 386 -3.25 -14.15 9.39
CA GLY A 386 -3.00 -12.86 8.76
C GLY A 386 -1.96 -12.94 7.67
N LYS A 387 -1.94 -11.94 6.80
CA LYS A 387 -0.93 -11.84 5.76
C LYS A 387 -0.32 -10.47 5.81
N VAL A 388 1.00 -10.41 5.95
CA VAL A 388 1.75 -9.16 5.88
C VAL A 388 2.36 -9.09 4.50
N ILE A 389 2.06 -8.02 3.79
CA ILE A 389 2.48 -7.85 2.41
C ILE A 389 3.25 -6.55 2.28
N THR A 390 4.44 -6.61 1.69
CA THR A 390 5.22 -5.40 1.47
C THR A 390 5.48 -5.20 -0.02
N TYR A 391 5.65 -3.94 -0.40
CA TYR A 391 5.84 -3.55 -1.78
C TYR A 391 7.00 -2.55 -1.78
N GLY A 392 7.93 -2.72 -2.72
CA GLY A 392 9.02 -1.77 -2.88
C GLY A 392 9.40 -1.58 -4.34
N ALA A 393 10.28 -0.61 -4.59
CA ALA A 393 10.78 -0.37 -5.95
C ALA A 393 11.54 -1.57 -6.48
N ASP A 394 12.13 -2.37 -5.59
CA ASP A 394 12.81 -3.60 -5.98
C ASP A 394 12.77 -4.62 -4.84
N ARG A 395 13.29 -5.82 -5.10
CA ARG A 395 13.19 -6.91 -4.15
C ARG A 395 13.84 -6.54 -2.81
N ASP A 396 14.99 -5.89 -2.88
CA ASP A 396 15.70 -5.49 -1.66
C ASP A 396 14.86 -4.54 -0.81
N GLU A 397 14.13 -3.64 -1.44
CA GLU A 397 13.31 -2.70 -0.68
C GLU A 397 12.10 -3.41 -0.05
N ALA A 398 11.47 -4.31 -0.81
CA ALA A 398 10.40 -5.15 -0.29
C ALA A 398 10.89 -5.92 0.94
N LEU A 399 12.09 -6.49 0.86
CA LEU A 399 12.66 -7.24 1.99
C LEU A 399 12.87 -6.35 3.21
N ALA A 400 13.41 -5.15 2.99
CA ALA A 400 13.71 -4.22 4.07
C ALA A 400 12.43 -3.80 4.77
N ARG A 401 11.41 -3.52 3.98
CA ARG A 401 10.10 -3.17 4.53
C ARG A 401 9.47 -4.34 5.28
N MET A 402 9.70 -5.57 4.82
CA MET A 402 9.19 -6.73 5.55
C MET A 402 9.92 -6.90 6.89
N ARG A 403 11.21 -6.59 6.92
CA ARG A 403 11.94 -6.60 8.19
C ARG A 403 11.32 -5.62 9.19
N ASN A 404 11.06 -4.38 8.75
CA ASN A 404 10.41 -3.39 9.60
C ASN A 404 9.02 -3.85 10.07
N ALA A 405 8.25 -4.38 9.13
CA ALA A 405 6.88 -4.76 9.41
C ALA A 405 6.83 -5.86 10.47
N LEU A 406 7.67 -6.89 10.29
CA LEU A 406 7.70 -8.01 11.23
C LEU A 406 8.11 -7.54 12.63
N ASP A 407 9.02 -6.57 12.72
CA ASP A 407 9.43 -5.99 14.01
C ASP A 407 8.27 -5.32 14.76
N GLU A 408 7.25 -4.89 14.04
CA GLU A 408 6.11 -4.18 14.65
C GLU A 408 4.92 -5.08 14.94
N LEU A 409 4.89 -6.27 14.34
CA LEU A 409 3.75 -7.19 14.50
C LEU A 409 3.70 -7.76 15.91
N ILE A 410 2.60 -7.53 16.61
CA ILE A 410 2.37 -8.17 17.91
C ILE A 410 1.09 -9.02 17.83
N VAL A 411 1.23 -10.31 18.12
CA VAL A 411 0.09 -11.20 18.29
C VAL A 411 0.28 -11.91 19.62
N ASP A 412 -0.14 -11.23 20.68
CA ASP A 412 0.16 -11.65 22.03
C ASP A 412 -0.95 -12.58 22.53
N GLY A 413 -0.54 -13.69 23.14
CA GLY A 413 -1.48 -14.65 23.69
C GLY A 413 -1.46 -15.99 22.99
N ILE A 414 -1.05 -16.02 21.73
CA ILE A 414 -0.89 -17.27 21.02
C ILE A 414 0.49 -17.33 20.40
N LYS A 415 0.92 -18.53 20.05
CA LYS A 415 2.17 -18.71 19.31
C LYS A 415 1.92 -18.49 17.84
N THR A 416 2.88 -17.86 17.16
CA THR A 416 2.85 -17.69 15.71
C THR A 416 4.22 -17.98 15.10
N ASN A 417 4.25 -18.02 13.76
CA ASN A 417 5.48 -18.28 13.02
C ASN A 417 6.27 -17.01 12.66
N THR A 418 6.00 -15.93 13.38
CA THR A 418 6.66 -14.65 13.14
C THR A 418 8.19 -14.76 13.21
N GLU A 419 8.72 -15.46 14.21
CA GLU A 419 10.16 -15.59 14.34
C GLU A 419 10.78 -16.28 13.14
N LEU A 420 10.14 -17.31 12.62
CA LEU A 420 10.61 -17.96 11.40
C LEU A 420 10.71 -16.94 10.26
N HIS A 421 9.69 -16.11 10.09
CA HIS A 421 9.71 -15.06 9.09
C HIS A 421 10.85 -14.06 9.28
N LYS A 422 11.05 -13.62 10.52
CA LYS A 422 12.16 -12.74 10.84
C LYS A 422 13.51 -13.36 10.44
N ASP A 423 13.64 -14.68 10.61
CA ASP A 423 14.86 -15.37 10.18
C ASP A 423 14.98 -15.45 8.66
N LEU A 424 13.87 -15.73 8.00
CA LEU A 424 13.88 -15.89 6.55
C LEU A 424 14.24 -14.62 5.80
N VAL A 425 13.75 -13.47 6.26
CA VAL A 425 14.04 -12.21 5.58
C VAL A 425 15.41 -11.67 5.94
N ARG A 426 16.14 -12.37 6.82
CA ARG A 426 17.56 -12.12 7.09
C ARG A 426 18.46 -13.29 6.64
N ASP A 427 17.88 -14.28 5.98
CA ASP A 427 18.61 -15.47 5.54
C ASP A 427 19.37 -15.15 4.25
N ALA A 428 20.65 -15.50 4.22
CA ALA A 428 21.55 -15.10 3.14
C ALA A 428 21.09 -15.65 1.79
N ALA A 429 20.79 -16.94 1.75
CA ALA A 429 20.37 -17.56 0.51
C ALA A 429 19.06 -16.99 0.02
N PHE A 430 18.12 -16.78 0.93
CA PHE A 430 16.83 -16.24 0.51
C PHE A 430 16.95 -14.80 0.05
N CYS A 431 17.78 -14.02 0.75
CA CYS A 431 18.02 -12.64 0.35
C CYS A 431 18.74 -12.51 -1.00
N LYS A 432 19.63 -13.45 -1.32
CA LYS A 432 20.25 -13.46 -2.65
C LYS A 432 19.22 -13.82 -3.71
N GLY A 433 18.32 -14.74 -3.35
CA GLY A 433 17.16 -15.06 -4.18
C GLY A 433 17.32 -16.33 -4.97
N GLY A 434 16.20 -16.83 -5.47
CA GLY A 434 16.16 -18.01 -6.34
C GLY A 434 16.26 -19.35 -5.64
N VAL A 435 16.00 -19.42 -4.34
CA VAL A 435 16.01 -20.71 -3.65
C VAL A 435 14.90 -21.56 -4.26
N ASN A 436 15.06 -22.88 -4.18
CA ASN A 436 14.11 -23.79 -4.82
C ASN A 436 13.19 -24.47 -3.81
N ILE A 437 12.36 -25.40 -4.28
CA ILE A 437 11.31 -25.96 -3.42
C ILE A 437 11.85 -26.84 -2.29
N HIS A 438 13.12 -27.23 -2.35
CA HIS A 438 13.73 -28.06 -1.32
C HIS A 438 14.36 -27.25 -0.19
N TYR A 439 14.47 -25.93 -0.37
CA TYR A 439 15.30 -25.11 0.51
C TYR A 439 14.86 -25.16 1.96
N LEU A 440 13.61 -24.84 2.22
CA LEU A 440 13.15 -24.66 3.60
C LEU A 440 13.21 -25.95 4.44
N GLU A 441 12.80 -27.06 3.86
CA GLU A 441 12.83 -28.33 4.60
C GLU A 441 14.24 -28.80 4.91
N LYS A 442 15.18 -28.63 3.98
CA LYS A 442 16.58 -28.97 4.25
C LYS A 442 17.13 -28.07 5.35
N LYS A 443 16.90 -26.77 5.24
CA LYS A 443 17.38 -25.82 6.25
C LYS A 443 16.79 -26.07 7.65
N LEU A 444 15.50 -26.38 7.73
CA LEU A 444 14.86 -26.73 9.00
C LEU A 444 15.26 -28.12 9.53
N GLY A 445 15.52 -29.08 8.65
CA GLY A 445 15.99 -30.44 9.05
C GLY A 445 14.95 -31.55 8.96
N MET B 1 26.22 6.43 2.92
CA MET B 1 24.93 6.57 3.64
C MET B 1 25.16 7.03 5.06
N LEU B 2 24.29 7.91 5.56
CA LEU B 2 24.41 8.43 6.92
C LEU B 2 24.52 7.28 7.93
N GLU B 3 25.39 7.48 8.92
CA GLU B 3 25.71 6.46 9.90
C GLU B 3 24.63 6.37 10.99
N LYS B 4 24.26 7.53 11.54
CA LYS B 4 23.34 7.58 12.68
C LYS B 4 22.55 8.88 12.66
N VAL B 5 21.22 8.79 12.61
CA VAL B 5 20.36 9.97 12.55
C VAL B 5 19.59 10.21 13.85
N LEU B 6 19.70 11.42 14.40
CA LEU B 6 18.88 11.80 15.54
C LEU B 6 17.57 12.37 15.04
N ILE B 7 16.47 11.85 15.59
CA ILE B 7 15.14 12.24 15.12
C ILE B 7 14.61 13.32 16.04
N ALA B 8 14.72 14.57 15.59
CA ALA B 8 14.37 15.73 16.41
C ALA B 8 12.89 16.06 16.24
N ASN B 9 12.03 15.15 16.70
CA ASN B 9 10.57 15.33 16.66
C ASN B 9 9.89 14.21 17.45
N ARG B 10 8.58 14.08 17.31
CA ARG B 10 7.77 13.18 18.11
C ARG B 10 6.62 12.61 17.28
N GLY B 11 5.83 11.76 17.92
CA GLY B 11 4.56 11.32 17.37
C GLY B 11 4.72 10.56 16.08
N GLU B 12 3.80 10.79 15.14
CA GLU B 12 3.76 9.99 13.93
C GLU B 12 4.97 10.23 13.04
N ILE B 13 5.40 11.49 12.91
CA ILE B 13 6.48 11.82 11.97
C ILE B 13 7.82 11.24 12.42
N ALA B 14 8.02 11.17 13.73
CA ALA B 14 9.19 10.51 14.31
C ALA B 14 9.22 9.04 13.88
N LEU B 15 8.08 8.35 14.01
CA LEU B 15 7.96 6.94 13.60
C LEU B 15 8.17 6.79 12.10
N ARG B 16 7.59 7.69 11.32
CA ARG B 16 7.77 7.73 9.88
C ARG B 16 9.25 7.79 9.51
N ILE B 17 10.00 8.66 10.18
CA ILE B 17 11.43 8.83 9.92
C ILE B 17 12.23 7.61 10.36
N LEU B 18 11.89 7.08 11.54
CA LEU B 18 12.56 5.89 12.06
C LEU B 18 12.43 4.71 11.09
N ARG B 19 11.27 4.55 10.48
CA ARG B 19 11.07 3.50 9.48
C ARG B 19 11.97 3.71 8.28
N ALA B 20 12.02 4.94 7.80
CA ALA B 20 12.88 5.30 6.67
C ALA B 20 14.33 4.96 6.97
N CYS B 21 14.78 5.36 8.16
CA CYS B 21 16.15 5.08 8.60
C CYS B 21 16.44 3.58 8.60
N LYS B 22 15.56 2.80 9.21
CA LYS B 22 15.75 1.35 9.28
C LYS B 22 15.88 0.70 7.90
N GLU B 23 15.09 1.18 6.94
CA GLU B 23 15.15 0.62 5.58
C GLU B 23 16.50 0.88 4.90
N LEU B 24 17.12 2.00 5.24
CA LEU B 24 18.42 2.36 4.65
C LEU B 24 19.63 1.91 5.48
N GLY B 25 19.39 1.18 6.58
CA GLY B 25 20.48 0.73 7.46
C GLY B 25 21.11 1.84 8.30
N ILE B 26 20.34 2.91 8.56
CA ILE B 26 20.78 4.03 9.37
C ILE B 26 20.37 3.84 10.84
N LYS B 27 21.35 3.95 11.75
CA LYS B 27 21.07 3.82 13.18
C LYS B 27 20.28 5.04 13.66
N THR B 28 19.42 4.84 14.65
CA THR B 28 18.49 5.90 15.06
C THR B 28 18.66 6.33 16.52
N VAL B 29 18.48 7.62 16.76
CA VAL B 29 18.40 8.17 18.12
C VAL B 29 17.10 8.95 18.26
N ALA B 30 16.29 8.55 19.23
CA ALA B 30 15.04 9.24 19.53
C ALA B 30 15.30 10.22 20.67
N VAL B 31 14.66 11.38 20.60
CA VAL B 31 14.63 12.32 21.72
C VAL B 31 13.18 12.53 22.12
N HIS B 32 12.94 12.66 23.43
CA HIS B 32 11.58 12.86 23.95
C HIS B 32 11.57 13.68 25.22
N SER B 33 10.46 14.35 25.46
CA SER B 33 10.16 14.98 26.74
C SER B 33 9.76 13.91 27.77
N THR B 34 9.63 14.33 29.02
CA THR B 34 9.16 13.46 30.10
C THR B 34 7.70 13.04 29.88
N ALA B 35 6.94 13.86 29.16
CA ALA B 35 5.54 13.54 28.87
C ALA B 35 5.36 12.49 27.77
N ASP B 36 6.41 12.27 26.96
CA ASP B 36 6.35 11.34 25.81
C ASP B 36 7.09 10.02 26.02
N ARG B 37 7.19 9.54 27.25
CA ARG B 37 7.87 8.27 27.54
C ARG B 37 7.20 7.06 26.87
N GLU B 38 5.89 7.13 26.65
CA GLU B 38 5.15 6.01 26.06
C GLU B 38 5.20 5.94 24.53
N LEU B 39 5.71 6.98 23.87
CA LEU B 39 5.69 7.04 22.40
C LEU B 39 6.20 5.74 21.77
N MET B 40 5.45 5.24 20.78
CA MET B 40 5.73 3.96 20.14
C MET B 40 7.15 3.86 19.59
N HIS B 41 7.64 4.92 18.96
CA HIS B 41 8.91 4.86 18.24
C HIS B 41 10.12 4.73 19.16
N LEU B 42 9.98 5.14 20.43
CA LEU B 42 11.09 5.11 21.37
C LEU B 42 11.73 3.73 21.48
N SER B 43 10.92 2.70 21.69
CA SER B 43 11.44 1.35 21.91
C SER B 43 11.78 0.63 20.60
N LEU B 44 11.46 1.25 19.46
CA LEU B 44 11.94 0.77 18.16
C LEU B 44 13.29 1.41 17.79
N ALA B 45 13.60 2.55 18.41
CA ALA B 45 14.88 3.24 18.16
C ALA B 45 16.07 2.50 18.79
N ASP B 46 17.26 2.67 18.22
CA ASP B 46 18.48 2.06 18.79
C ASP B 46 18.87 2.74 20.10
N GLU B 47 18.79 4.07 20.14
CA GLU B 47 19.04 4.84 21.34
C GLU B 47 17.93 5.84 21.59
N SER B 48 17.69 6.17 22.86
CA SER B 48 16.67 7.14 23.26
C SER B 48 17.18 8.04 24.38
N VAL B 49 17.04 9.35 24.22
CA VAL B 49 17.51 10.31 25.20
C VAL B 49 16.40 11.25 25.61
N CYS B 50 16.24 11.44 26.92
CA CYS B 50 15.26 12.38 27.46
C CYS B 50 15.84 13.78 27.41
N ILE B 51 15.17 14.72 26.75
CA ILE B 51 15.72 16.06 26.51
C ILE B 51 15.11 17.21 27.33
N GLY B 52 14.11 16.92 28.16
CA GLY B 52 13.53 17.97 29.02
C GLY B 52 12.10 17.71 29.46
N PRO B 53 11.53 18.64 30.25
CA PRO B 53 10.16 18.44 30.74
C PRO B 53 9.08 18.68 29.69
N ALA B 54 7.83 18.46 30.07
CA ALA B 54 6.69 18.38 29.15
C ALA B 54 6.56 19.53 28.16
N PRO B 55 6.62 20.78 28.63
CA PRO B 55 6.42 21.88 27.68
C PRO B 55 7.32 21.77 26.46
N ALA B 56 6.78 22.05 25.28
CA ALA B 56 7.55 22.07 24.04
C ALA B 56 8.75 23.03 24.13
N THR B 57 8.51 24.23 24.63
CA THR B 57 9.57 25.25 24.71
C THR B 57 10.75 24.83 25.62
N GLN B 58 10.51 23.88 26.53
CA GLN B 58 11.56 23.39 27.43
C GLN B 58 12.08 22.01 27.04
N SER B 59 11.76 21.57 25.82
CA SER B 59 12.25 20.29 25.29
C SER B 59 12.49 20.33 23.77
N TYR B 60 11.45 20.07 22.96
CA TYR B 60 11.62 19.93 21.51
C TYR B 60 12.04 21.21 20.79
N LEU B 61 11.82 22.37 21.40
CA LEU B 61 12.29 23.65 20.85
C LEU B 61 13.65 24.07 21.44
N GLN B 62 14.23 23.21 22.30
CA GLN B 62 15.47 23.52 22.99
C GLN B 62 16.70 23.02 22.20
N ILE B 63 17.26 23.93 21.40
CA ILE B 63 18.39 23.65 20.51
C ILE B 63 19.61 23.07 21.24
N PRO B 64 20.03 23.69 22.37
CA PRO B 64 21.18 23.13 23.08
C PRO B 64 20.96 21.69 23.54
N ALA B 65 19.75 21.37 23.99
CA ALA B 65 19.45 20.03 24.48
C ALA B 65 19.55 18.97 23.37
N ILE B 66 19.05 19.31 22.19
CA ILE B 66 19.06 18.38 21.06
C ILE B 66 20.49 18.14 20.58
N ILE B 67 21.26 19.22 20.45
CA ILE B 67 22.66 19.13 20.07
C ILE B 67 23.44 18.29 21.08
N ALA B 68 23.20 18.53 22.37
CA ALA B 68 23.84 17.74 23.43
C ALA B 68 23.50 16.25 23.32
N ALA B 69 22.26 15.95 22.92
CA ALA B 69 21.84 14.57 22.73
C ALA B 69 22.56 13.91 21.54
N ALA B 70 22.74 14.67 20.45
CA ALA B 70 23.47 14.21 19.28
C ALA B 70 24.94 13.94 19.59
N GLU B 71 25.57 14.89 20.28
CA GLU B 71 26.98 14.76 20.71
C GLU B 71 27.21 13.49 21.55
N VAL B 72 26.37 13.26 22.56
CA VAL B 72 26.57 12.13 23.48
C VAL B 72 26.25 10.76 22.88
N THR B 73 25.38 10.73 21.87
CA THR B 73 25.07 9.45 21.19
C THR B 73 25.96 9.19 19.98
N GLY B 74 26.66 10.23 19.50
CA GLY B 74 27.54 10.11 18.33
C GLY B 74 26.75 10.07 17.03
N ALA B 75 25.64 10.81 16.98
CA ALA B 75 24.86 10.97 15.77
C ALA B 75 25.66 11.78 14.75
N THR B 76 25.48 11.48 13.47
CA THR B 76 26.12 12.24 12.39
C THR B 76 25.16 13.20 11.69
N ALA B 77 23.86 12.98 11.88
CA ALA B 77 22.84 13.80 11.21
C ALA B 77 21.59 13.99 12.07
N ILE B 78 20.83 15.05 11.79
CA ILE B 78 19.60 15.37 12.51
C ILE B 78 18.46 15.62 11.53
N HIS B 79 17.37 14.84 11.66
CA HIS B 79 16.13 15.07 10.92
C HIS B 79 15.10 15.77 11.81
N PRO B 80 14.69 17.00 11.43
CA PRO B 80 13.77 17.78 12.26
C PRO B 80 12.27 17.48 12.06
N GLY B 81 11.93 16.70 11.03
CA GLY B 81 10.53 16.41 10.74
C GLY B 81 9.78 17.63 10.22
N TYR B 82 8.53 17.79 10.65
CA TYR B 82 7.77 19.01 10.40
C TYR B 82 7.44 19.69 11.72
N GLY B 83 7.17 20.99 11.64
CA GLY B 83 6.91 21.78 12.82
C GLY B 83 8.15 21.90 13.68
N PHE B 84 7.94 22.33 14.93
CA PHE B 84 9.04 22.57 15.85
C PHE B 84 10.17 23.36 15.17
N LEU B 85 11.39 22.81 15.16
CA LEU B 85 12.56 23.53 14.68
C LEU B 85 12.87 23.27 13.22
N ALA B 86 11.95 22.65 12.48
CA ALA B 86 12.21 22.26 11.10
C ALA B 86 12.52 23.44 10.19
N GLU B 87 11.86 24.58 10.43
CA GLU B 87 12.04 25.78 9.60
C GLU B 87 12.70 26.91 10.41
N ASN B 88 13.51 26.51 11.38
CA ASN B 88 14.27 27.44 12.21
C ASN B 88 15.69 27.54 11.69
N ALA B 89 16.00 28.65 11.03
CA ALA B 89 17.32 28.86 10.44
C ALA B 89 18.44 28.74 11.48
N ASP B 90 18.27 29.35 12.65
CA ASP B 90 19.26 29.29 13.71
C ASP B 90 19.59 27.85 14.12
N PHE B 91 18.57 27.00 14.15
CA PHE B 91 18.77 25.58 14.47
C PHE B 91 19.66 24.91 13.43
N ALA B 92 19.36 25.11 12.15
CA ALA B 92 20.17 24.55 11.07
C ALA B 92 21.61 25.06 11.16
N GLU B 93 21.75 26.36 11.38
CA GLU B 93 23.05 26.99 11.52
C GLU B 93 23.88 26.37 12.65
N GLN B 94 23.24 26.16 13.80
CA GLN B 94 23.91 25.64 14.98
C GLN B 94 24.36 24.18 14.82
N ILE B 95 23.58 23.37 14.10
CA ILE B 95 23.95 21.97 13.90
C ILE B 95 25.14 21.84 12.92
N GLU B 96 25.20 22.70 11.90
CA GLU B 96 26.37 22.73 11.00
C GLU B 96 27.62 23.18 11.74
N ARG B 97 27.48 24.20 12.58
CA ARG B 97 28.59 24.71 13.40
C ARG B 97 29.14 23.61 14.32
N SER B 98 28.27 22.73 14.80
CA SER B 98 28.65 21.65 15.71
C SER B 98 29.02 20.35 14.99
N GLY B 99 29.11 20.39 13.66
CA GLY B 99 29.68 19.30 12.88
C GLY B 99 28.74 18.21 12.42
N PHE B 100 27.44 18.42 12.59
CA PHE B 100 26.44 17.43 12.16
C PHE B 100 25.88 17.81 10.80
N THR B 101 25.24 16.84 10.14
CA THR B 101 24.50 17.08 8.91
C THR B 101 23.04 17.39 9.24
N PHE B 102 22.49 18.38 8.55
CA PHE B 102 21.07 18.72 8.66
C PHE B 102 20.31 18.05 7.53
N VAL B 103 19.27 17.29 7.87
CA VAL B 103 18.47 16.62 6.84
C VAL B 103 17.42 17.61 6.33
N GLY B 104 17.90 18.53 5.49
CA GLY B 104 17.08 19.64 4.99
C GLY B 104 17.94 20.72 4.37
N PRO B 105 17.32 21.83 3.93
CA PRO B 105 18.05 22.88 3.21
C PRO B 105 19.03 23.69 4.07
N THR B 106 19.82 24.53 3.42
CA THR B 106 20.77 25.40 4.12
C THR B 106 20.03 26.47 4.92
N ALA B 107 20.70 27.00 5.94
CA ALA B 107 20.17 28.09 6.76
C ALA B 107 19.72 29.28 5.93
N GLU B 108 20.56 29.69 4.98
CA GLU B 108 20.22 30.79 4.07
C GLU B 108 18.86 30.59 3.41
N VAL B 109 18.65 29.39 2.87
CA VAL B 109 17.41 29.09 2.13
C VAL B 109 16.19 29.14 3.05
N ILE B 110 16.35 28.68 4.29
CA ILE B 110 15.28 28.76 5.28
C ILE B 110 14.91 30.21 5.65
N ARG B 111 15.89 31.08 5.89
CA ARG B 111 15.61 32.51 6.15
C ARG B 111 14.99 33.18 4.94
N LEU B 112 15.54 32.88 3.76
CA LEU B 112 15.06 33.44 2.50
C LEU B 112 13.57 33.19 2.30
N MET B 113 13.16 31.94 2.49
CA MET B 113 11.78 31.54 2.28
C MET B 113 10.94 31.68 3.53
N GLY B 114 11.59 32.03 4.65
CA GLY B 114 10.90 32.23 5.92
C GLY B 114 10.34 33.63 6.09
N ASP B 115 10.74 34.56 5.23
CA ASP B 115 10.24 35.93 5.24
C ASP B 115 9.43 36.21 3.98
N LYS B 116 8.28 36.86 4.14
CA LYS B 116 7.33 37.08 3.04
C LYS B 116 7.95 37.85 1.87
N VAL B 117 8.64 38.95 2.16
CA VAL B 117 9.17 39.82 1.12
C VAL B 117 10.29 39.13 0.30
N SER B 118 11.27 38.55 0.98
CA SER B 118 12.37 37.87 0.27
C SER B 118 11.87 36.62 -0.45
N ALA B 119 10.94 35.89 0.16
CA ALA B 119 10.37 34.69 -0.47
C ALA B 119 9.68 35.06 -1.78
N LYS B 120 8.86 36.12 -1.73
CA LYS B 120 8.16 36.62 -2.92
C LYS B 120 9.09 37.07 -4.05
N ASP B 121 10.17 37.77 -3.69
CA ASP B 121 11.17 38.21 -4.68
C ASP B 121 11.81 37.03 -5.38
N ALA B 122 12.24 36.03 -4.61
CA ALA B 122 12.92 34.87 -5.17
C ALA B 122 12.03 34.16 -6.19
N MET B 123 10.75 34.02 -5.86
CA MET B 123 9.79 33.38 -6.76
C MET B 123 9.58 34.21 -8.04
N LYS B 124 9.49 35.52 -7.91
CA LYS B 124 9.42 36.40 -9.09
C LYS B 124 10.61 36.16 -10.00
N ARG B 125 11.82 36.14 -9.42
CA ARG B 125 13.07 35.89 -10.16
C ARG B 125 13.06 34.53 -10.89
N ALA B 126 12.43 33.53 -10.27
CA ALA B 126 12.34 32.19 -10.85
C ALA B 126 11.22 32.06 -11.88
N GLY B 127 10.34 33.05 -11.95
CA GLY B 127 9.16 32.98 -12.81
C GLY B 127 7.98 32.26 -12.17
N VAL B 128 8.09 31.93 -10.88
CA VAL B 128 6.96 31.31 -10.17
C VAL B 128 5.87 32.36 -9.99
N PRO B 129 4.64 32.06 -10.45
CA PRO B 129 3.59 33.07 -10.46
C PRO B 129 3.18 33.46 -9.04
N THR B 130 3.01 34.74 -8.84
CA THR B 130 2.94 35.32 -7.52
C THR B 130 1.65 36.13 -7.45
N VAL B 131 1.24 36.57 -6.25
CA VAL B 131 -0.01 37.34 -6.13
C VAL B 131 0.21 38.76 -6.65
N PRO B 132 -0.52 39.14 -7.71
CA PRO B 132 -0.33 40.49 -8.25
C PRO B 132 -0.98 41.58 -7.41
N GLY B 133 -0.44 42.78 -7.54
CA GLY B 133 -0.97 43.93 -6.82
C GLY B 133 -0.23 45.19 -7.20
N SER B 134 -0.44 46.24 -6.44
CA SER B 134 0.31 47.46 -6.59
C SER B 134 1.78 47.21 -6.25
N ASP B 135 2.69 47.77 -7.05
CA ASP B 135 4.12 47.73 -6.71
C ASP B 135 4.30 48.86 -5.71
N GLY B 136 4.15 48.53 -4.43
CA GLY B 136 4.12 49.56 -3.39
C GLY B 136 2.70 50.03 -3.08
N PRO B 137 2.56 51.18 -2.42
CA PRO B 137 1.22 51.65 -2.07
C PRO B 137 0.34 51.98 -3.28
N LEU B 138 -0.97 51.83 -3.10
CA LEU B 138 -1.96 52.25 -4.07
C LEU B 138 -2.04 53.76 -4.02
N PRO B 139 -1.72 54.44 -5.12
CA PRO B 139 -1.72 55.90 -5.07
C PRO B 139 -3.11 56.49 -4.98
N GLU B 140 -3.20 57.71 -4.47
CA GLU B 140 -4.44 58.46 -4.41
C GLU B 140 -4.91 58.96 -5.78
N ASP B 141 -3.97 59.20 -6.71
CA ASP B 141 -4.33 59.57 -8.09
C ASP B 141 -5.28 58.51 -8.67
N GLU B 142 -6.45 58.96 -9.12
CA GLU B 142 -7.55 58.05 -9.45
C GLU B 142 -7.22 57.19 -10.66
N GLU B 143 -6.79 57.81 -11.75
CA GLU B 143 -6.53 57.07 -12.99
C GLU B 143 -5.40 56.07 -12.81
N THR B 144 -4.34 56.45 -12.12
CA THR B 144 -3.27 55.49 -11.81
C THR B 144 -3.80 54.33 -10.94
N ALA B 145 -4.59 54.66 -9.92
CA ALA B 145 -5.18 53.64 -9.05
C ALA B 145 -6.09 52.71 -9.83
N LEU B 146 -6.90 53.28 -10.72
CA LEU B 146 -7.86 52.54 -11.55
C LEU B 146 -7.15 51.64 -12.55
N ALA B 147 -6.05 52.12 -13.15
CA ALA B 147 -5.25 51.30 -14.05
C ALA B 147 -4.63 50.10 -13.32
N ILE B 148 -4.11 50.33 -12.12
CA ILE B 148 -3.53 49.25 -11.31
C ILE B 148 -4.56 48.16 -11.05
N ALA B 149 -5.74 48.57 -10.61
CA ALA B 149 -6.81 47.61 -10.30
C ALA B 149 -7.21 46.82 -11.54
N ARG B 150 -7.38 47.52 -12.64
CA ARG B 150 -7.76 46.93 -13.92
C ARG B 150 -6.73 45.90 -14.40
N GLU B 151 -5.44 46.20 -14.26
CA GLU B 151 -4.37 45.30 -14.71
C GLU B 151 -4.28 44.06 -13.82
N VAL B 152 -4.51 44.26 -12.53
CA VAL B 152 -4.59 43.16 -11.57
C VAL B 152 -5.82 42.29 -11.82
N GLY B 153 -6.92 42.94 -12.23
CA GLY B 153 -8.17 42.23 -12.50
C GLY B 153 -9.04 42.14 -11.25
N TYR B 154 -10.27 42.64 -11.35
CA TYR B 154 -11.23 42.60 -10.23
C TYR B 154 -11.71 41.17 -10.05
N PRO B 155 -12.14 40.81 -8.83
CA PRO B 155 -12.17 41.62 -7.61
C PRO B 155 -10.79 41.87 -7.03
N VAL B 156 -10.65 42.99 -6.31
CA VAL B 156 -9.37 43.34 -5.65
C VAL B 156 -9.61 43.55 -4.16
N ILE B 157 -8.53 43.52 -3.39
CA ILE B 157 -8.60 43.74 -1.96
C ILE B 157 -7.64 44.85 -1.57
N ILE B 158 -8.10 45.73 -0.69
CA ILE B 158 -7.34 46.89 -0.24
C ILE B 158 -6.94 46.66 1.22
N LYS B 159 -5.64 46.67 1.49
CA LYS B 159 -5.10 46.36 2.81
C LYS B 159 -4.33 47.56 3.36
N ALA B 160 -4.49 47.83 4.66
CA ALA B 160 -3.72 48.87 5.33
C ALA B 160 -2.27 48.41 5.48
N ALA B 161 -1.33 49.32 5.24
CA ALA B 161 0.11 49.02 5.29
C ALA B 161 0.55 48.51 6.66
N GLY B 162 0.29 49.30 7.70
CA GLY B 162 0.60 48.93 9.08
C GLY B 162 -0.64 48.53 9.86
N GLY B 163 -1.32 47.49 9.39
CA GLY B 163 -2.55 47.00 10.02
C GLY B 163 -3.07 45.73 9.40
N GLY B 168 -8.89 46.85 8.98
CA GLY B 168 -8.85 47.78 7.84
C GLY B 168 -8.59 47.07 6.52
N MET B 169 -9.57 46.26 6.10
CA MET B 169 -9.52 45.56 4.82
C MET B 169 -10.87 45.59 4.10
N ARG B 170 -10.84 45.73 2.78
CA ARG B 170 -12.06 45.92 1.99
C ARG B 170 -11.90 45.33 0.59
N VAL B 171 -12.97 44.68 0.12
CA VAL B 171 -12.97 44.04 -1.20
C VAL B 171 -13.81 44.87 -2.16
N VAL B 172 -13.30 45.08 -3.37
CA VAL B 172 -13.99 45.84 -4.42
C VAL B 172 -14.20 44.91 -5.61
N TYR B 173 -15.43 44.86 -6.13
CA TYR B 173 -15.78 43.98 -7.24
C TYR B 173 -15.93 44.73 -8.55
N ASP B 174 -16.20 46.02 -8.44
CA ASP B 174 -16.45 46.86 -9.59
C ASP B 174 -15.69 48.15 -9.40
N GLU B 175 -15.14 48.64 -10.50
CA GLU B 175 -14.28 49.82 -10.45
C GLU B 175 -14.98 51.11 -10.07
N SER B 176 -16.31 51.13 -10.13
CA SER B 176 -17.05 52.33 -9.70
C SER B 176 -16.95 52.53 -8.18
N GLU B 177 -16.54 51.48 -7.46
CA GLU B 177 -16.37 51.56 -6.01
C GLU B 177 -14.91 51.69 -5.53
N LEU B 178 -13.93 51.51 -6.43
CA LEU B 178 -12.51 51.48 -6.03
C LEU B 178 -12.01 52.74 -5.31
N ILE B 179 -12.27 53.90 -5.90
CA ILE B 179 -11.74 55.15 -5.39
C ILE B 179 -12.35 55.52 -4.04
N LYS B 180 -13.67 55.37 -3.94
CA LYS B 180 -14.39 55.55 -2.69
C LYS B 180 -13.91 54.55 -1.61
N SER B 181 -13.80 53.28 -1.98
CA SER B 181 -13.41 52.23 -1.04
C SER B 181 -12.00 52.43 -0.48
N ALA B 182 -11.07 52.80 -1.37
CA ALA B 182 -9.70 53.05 -0.97
C ALA B 182 -9.63 54.27 -0.06
N LYS B 183 -10.48 55.25 -0.31
CA LYS B 183 -10.47 56.48 0.47
C LYS B 183 -10.91 56.22 1.91
N LEU B 184 -11.97 55.42 2.05
CA LEU B 184 -12.42 55.00 3.38
C LEU B 184 -11.33 54.21 4.13
N THR B 185 -10.69 53.28 3.44
CA THR B 185 -9.65 52.45 4.06
C THR B 185 -8.44 53.26 4.51
N ARG B 186 -8.16 54.38 3.85
CA ARG B 186 -7.06 55.27 4.26
C ARG B 186 -7.41 56.02 5.53
N THR B 187 -8.56 56.70 5.51
CA THR B 187 -9.08 57.42 6.68
C THR B 187 -9.09 56.55 7.94
N GLU B 188 -9.49 55.29 7.79
CA GLU B 188 -9.52 54.34 8.90
C GLU B 188 -8.12 53.90 9.33
N ALA B 189 -7.29 53.54 8.35
CA ALA B 189 -5.91 53.14 8.61
C ALA B 189 -5.11 54.22 9.35
N GLY B 190 -5.50 55.48 9.17
CA GLY B 190 -4.89 56.58 9.90
C GLY B 190 -5.44 56.82 11.30
N ALA B 191 -6.14 55.83 11.86
CA ALA B 191 -6.71 55.95 13.20
C ALA B 191 -7.07 54.59 13.78
N GLY B 194 -2.03 54.67 12.86
CA GLY B 194 -1.51 56.03 12.69
C GLY B 194 -0.93 56.32 11.31
N ASN B 195 -1.09 55.38 10.39
CA ASN B 195 -0.53 55.46 9.03
C ASN B 195 -1.62 55.31 7.96
N PRO B 196 -1.80 56.34 7.11
CA PRO B 196 -2.87 56.29 6.11
C PRO B 196 -2.61 55.39 4.89
N MET B 197 -1.37 54.93 4.69
CA MET B 197 -1.02 54.18 3.47
C MET B 197 -1.79 52.87 3.32
N VAL B 198 -2.09 52.53 2.07
CA VAL B 198 -2.81 51.33 1.73
C VAL B 198 -2.19 50.75 0.46
N TYR B 199 -2.31 49.45 0.29
CA TYR B 199 -1.89 48.79 -0.94
C TYR B 199 -2.98 47.85 -1.43
N LEU B 200 -2.82 47.36 -2.66
CA LEU B 200 -3.85 46.58 -3.32
C LEU B 200 -3.30 45.21 -3.74
N GLU B 201 -4.15 44.19 -3.63
CA GLU B 201 -3.82 42.85 -4.12
C GLU B 201 -5.03 42.22 -4.80
N LYS B 202 -4.76 41.27 -5.68
CA LYS B 202 -5.83 40.51 -6.30
C LYS B 202 -6.55 39.71 -5.20
N PHE B 203 -7.87 39.68 -5.29
CA PHE B 203 -8.68 38.89 -4.37
C PHE B 203 -9.20 37.67 -5.10
N LEU B 204 -9.14 36.53 -4.44
CA LEU B 204 -9.67 35.27 -4.97
C LEU B 204 -10.90 34.91 -4.16
N THR B 205 -12.04 34.80 -4.81
CA THR B 205 -13.30 34.56 -4.12
C THR B 205 -13.45 33.07 -3.78
N ASN B 206 -13.18 32.20 -4.76
CA ASN B 206 -13.31 30.76 -4.59
C ASN B 206 -12.04 29.97 -4.96
N PRO B 207 -10.95 30.15 -4.18
CA PRO B 207 -9.69 29.46 -4.47
C PRO B 207 -9.56 28.06 -3.87
N ARG B 208 -8.70 27.25 -4.49
CA ARG B 208 -8.33 25.94 -3.98
C ARG B 208 -6.87 25.95 -3.53
N HIS B 209 -6.57 25.18 -2.49
CA HIS B 209 -5.20 24.98 -2.05
C HIS B 209 -4.58 23.84 -2.85
N VAL B 210 -3.69 24.18 -3.78
CA VAL B 210 -2.92 23.20 -4.55
C VAL B 210 -1.43 23.44 -4.31
N GLU B 211 -0.70 22.39 -3.97
CA GLU B 211 0.73 22.53 -3.66
C GLU B 211 1.57 21.53 -4.46
N VAL B 212 2.83 21.87 -4.70
CA VAL B 212 3.72 21.06 -5.53
C VAL B 212 4.85 20.51 -4.69
N GLN B 213 5.04 19.19 -4.73
CA GLN B 213 6.10 18.52 -3.98
C GLN B 213 7.36 18.50 -4.84
N VAL B 214 8.48 18.94 -4.26
CA VAL B 214 9.77 18.88 -4.96
C VAL B 214 10.81 18.09 -4.17
N LEU B 215 11.79 17.59 -4.91
CA LEU B 215 13.02 17.04 -4.36
C LEU B 215 14.18 17.68 -5.09
N SER B 216 15.17 18.15 -4.33
CA SER B 216 16.32 18.84 -4.88
C SER B 216 17.57 18.34 -4.15
N ASP B 217 18.60 17.94 -4.89
CA ASP B 217 19.78 17.36 -4.26
C ASP B 217 20.87 18.36 -3.84
N GLY B 218 20.67 19.64 -4.17
CA GLY B 218 21.65 20.67 -3.86
C GLY B 218 22.94 20.52 -4.65
N GLN B 219 22.90 19.74 -5.73
CA GLN B 219 24.04 19.57 -6.63
C GLN B 219 23.64 19.77 -8.10
N GLY B 220 22.64 20.61 -8.34
CA GLY B 220 22.20 20.94 -9.71
C GLY B 220 20.92 20.27 -10.18
N ASN B 221 20.43 19.26 -9.46
CA ASN B 221 19.26 18.51 -9.90
C ASN B 221 18.02 18.76 -9.02
N ALA B 222 16.86 18.81 -9.67
CA ALA B 222 15.60 18.90 -8.93
C ALA B 222 14.45 18.29 -9.75
N ILE B 223 13.49 17.68 -9.05
CA ILE B 223 12.30 17.14 -9.68
C ILE B 223 11.05 17.49 -8.88
N HIS B 224 9.90 17.42 -9.53
CA HIS B 224 8.62 17.48 -8.84
C HIS B 224 8.04 16.06 -8.72
N LEU B 225 7.19 15.87 -7.71
CA LEU B 225 6.45 14.63 -7.53
C LEU B 225 4.96 14.92 -7.63
N GLY B 226 4.58 15.71 -8.63
CA GLY B 226 3.19 16.10 -8.82
C GLY B 226 2.67 17.02 -7.73
N ASP B 227 1.36 17.19 -7.69
CA ASP B 227 0.75 18.12 -6.74
C ASP B 227 -0.25 17.44 -5.81
N ARG B 228 -0.74 18.23 -4.86
CA ARG B 228 -1.75 17.79 -3.91
C ARG B 228 -2.82 18.87 -3.80
N ASP B 229 -4.03 18.47 -3.43
CA ASP B 229 -5.08 19.41 -3.09
C ASP B 229 -5.39 19.25 -1.62
N CYS B 230 -5.36 20.37 -0.89
CA CYS B 230 -5.60 20.36 0.56
C CYS B 230 -6.62 21.42 0.95
N SER B 231 -7.66 21.57 0.13
CA SER B 231 -8.64 22.64 0.30
C SER B 231 -9.57 22.49 1.52
N LEU B 232 -9.80 21.27 1.98
CA LEU B 232 -10.63 21.05 3.17
C LEU B 232 -9.86 21.45 4.43
N GLN B 233 -10.26 22.58 5.03
CA GLN B 233 -9.53 23.18 6.15
C GLN B 233 -10.46 23.80 7.21
N ARG B 234 -10.02 23.80 8.46
CA ARG B 234 -10.68 24.52 9.54
C ARG B 234 -9.61 25.36 10.25
N ARG B 235 -9.81 26.68 10.33
CA ARG B 235 -8.79 27.59 10.87
C ARG B 235 -7.45 27.40 10.14
N HIS B 236 -7.52 27.31 8.82
CA HIS B 236 -6.34 27.09 7.97
C HIS B 236 -5.53 25.84 8.34
N GLN B 237 -6.19 24.90 9.00
CA GLN B 237 -5.56 23.65 9.42
C GLN B 237 -6.14 22.54 8.53
N LYS B 238 -5.26 21.84 7.81
CA LYS B 238 -5.68 20.85 6.82
C LYS B 238 -6.33 19.64 7.51
N VAL B 239 -7.37 19.10 6.88
CA VAL B 239 -8.15 18.00 7.44
C VAL B 239 -8.03 16.75 6.57
N ILE B 240 -8.23 16.92 5.27
CA ILE B 240 -8.06 15.86 4.29
C ILE B 240 -7.23 16.38 3.12
N GLU B 241 -6.32 15.54 2.62
CA GLU B 241 -5.57 15.89 1.42
C GLU B 241 -5.65 14.78 0.38
N GLU B 242 -5.38 15.15 -0.87
CA GLU B 242 -5.39 14.18 -1.96
C GLU B 242 -4.34 14.47 -3.02
N ALA B 243 -4.05 13.46 -3.83
CA ALA B 243 -3.14 13.62 -4.97
C ALA B 243 -3.58 12.70 -6.09
N PRO B 244 -3.43 13.14 -7.35
CA PRO B 244 -3.10 14.51 -7.76
C PRO B 244 -4.29 15.42 -7.48
N ALA B 245 -4.10 16.74 -7.52
CA ALA B 245 -5.22 17.66 -7.48
C ALA B 245 -6.10 17.41 -8.71
N PRO B 246 -7.41 17.16 -8.50
CA PRO B 246 -8.31 16.87 -9.62
C PRO B 246 -8.77 18.11 -10.39
N GLY B 247 -9.08 17.94 -11.67
CA GLY B 247 -9.65 19.02 -12.48
C GLY B 247 -8.81 20.29 -12.52
N ILE B 248 -7.52 20.16 -12.78
CA ILE B 248 -6.61 21.29 -12.91
C ILE B 248 -6.31 21.48 -14.40
N ASP B 249 -6.22 22.74 -14.84
CA ASP B 249 -5.84 23.05 -16.22
C ASP B 249 -4.41 22.55 -16.46
N GLU B 250 -4.26 21.61 -17.39
CA GLU B 250 -3.00 20.88 -17.58
C GLU B 250 -1.83 21.75 -18.02
N LYS B 251 -2.09 22.74 -18.87
CA LYS B 251 -1.03 23.66 -19.31
C LYS B 251 -0.51 24.48 -18.14
N ALA B 252 -1.41 25.01 -17.32
CA ALA B 252 -1.01 25.79 -16.15
C ALA B 252 -0.23 24.90 -15.17
N ARG B 253 -0.66 23.66 -15.00
CA ARG B 253 0.04 22.71 -14.12
C ARG B 253 1.49 22.47 -14.57
N GLN B 254 1.67 22.13 -15.84
CA GLN B 254 3.00 21.89 -16.38
C GLN B 254 3.88 23.15 -16.34
N GLU B 255 3.25 24.32 -16.53
CA GLU B 255 3.92 25.64 -16.43
C GLU B 255 4.49 25.80 -15.02
N VAL B 256 3.66 25.62 -13.99
CA VAL B 256 4.07 25.85 -12.60
C VAL B 256 5.04 24.77 -12.08
N PHE B 257 4.88 23.53 -12.53
CA PHE B 257 5.86 22.48 -12.25
C PHE B 257 7.26 22.94 -12.70
N ALA B 258 7.36 23.38 -13.95
CA ALA B 258 8.64 23.75 -14.53
C ALA B 258 9.26 24.90 -13.75
N ARG B 259 8.43 25.86 -13.35
CA ARG B 259 8.89 26.99 -12.57
C ARG B 259 9.34 26.59 -11.17
N CYS B 260 8.63 25.65 -10.54
CA CYS B 260 9.01 25.18 -9.20
C CYS B 260 10.36 24.49 -9.23
N VAL B 261 10.60 23.69 -10.27
CA VAL B 261 11.86 23.00 -10.44
C VAL B 261 12.96 24.02 -10.66
N GLN B 262 12.73 24.98 -11.54
CA GLN B 262 13.67 26.05 -11.81
C GLN B 262 14.03 26.81 -10.52
N ALA B 263 13.02 27.11 -9.71
CA ALA B 263 13.24 27.83 -8.46
C ALA B 263 14.19 27.08 -7.52
N CYS B 264 14.00 25.76 -7.38
CA CYS B 264 14.91 24.93 -6.57
C CYS B 264 16.35 25.15 -6.99
N ILE B 265 16.58 25.13 -8.30
CA ILE B 265 17.90 25.31 -8.85
C ILE B 265 18.47 26.70 -8.56
N GLU B 266 17.65 27.75 -8.67
CA GLU B 266 18.15 29.11 -8.47
C GLU B 266 18.45 29.44 -7.01
N ILE B 267 17.60 29.00 -6.08
CA ILE B 267 17.83 29.28 -4.67
C ILE B 267 18.79 28.28 -4.03
N GLY B 268 19.16 27.24 -4.77
CA GLY B 268 20.09 26.23 -4.27
C GLY B 268 19.43 25.32 -3.23
N TYR B 269 18.18 24.94 -3.47
CA TYR B 269 17.44 24.12 -2.52
C TYR B 269 18.01 22.72 -2.41
N ARG B 270 18.01 22.19 -1.18
CA ARG B 270 18.49 20.84 -0.89
C ARG B 270 17.51 20.15 0.07
N GLY B 271 16.92 19.03 -0.39
CA GLY B 271 16.01 18.25 0.42
C GLY B 271 14.62 18.15 -0.17
N ALA B 272 13.64 17.89 0.69
CA ALA B 272 12.25 17.86 0.29
C ALA B 272 11.67 19.24 0.58
N GLY B 273 10.84 19.73 -0.33
CA GLY B 273 10.13 20.99 -0.12
C GLY B 273 8.81 21.02 -0.84
N THR B 274 7.95 21.95 -0.43
CA THR B 274 6.64 22.13 -1.04
C THR B 274 6.39 23.59 -1.37
N PHE B 275 5.88 23.84 -2.57
CA PHE B 275 5.43 25.16 -2.96
C PHE B 275 3.91 25.15 -2.86
N GLU B 276 3.37 25.91 -1.90
CA GLU B 276 1.93 26.05 -1.72
C GLU B 276 1.38 27.18 -2.60
N PHE B 277 0.29 26.91 -3.32
CA PHE B 277 -0.38 27.92 -4.14
C PHE B 277 -1.87 27.99 -3.82
N LEU B 278 -2.47 29.13 -4.13
CA LEU B 278 -3.91 29.22 -4.31
C LEU B 278 -4.19 29.11 -5.80
N TYR B 279 -5.25 28.40 -6.14
CA TYR B 279 -5.61 28.16 -7.54
C TYR B 279 -7.05 28.55 -7.80
N GLU B 280 -7.28 29.25 -8.91
CA GLU B 280 -8.62 29.69 -9.32
C GLU B 280 -8.62 30.11 -10.79
N ASN B 281 -9.68 29.77 -11.52
CA ASN B 281 -9.82 30.12 -12.93
C ASN B 281 -8.55 29.80 -13.73
N GLY B 282 -7.97 28.64 -13.49
CA GLY B 282 -6.82 28.18 -14.26
C GLY B 282 -5.48 28.87 -14.02
N ARG B 283 -5.37 29.62 -12.94
CA ARG B 283 -4.13 30.31 -12.59
C ARG B 283 -3.66 29.96 -11.18
N PHE B 284 -2.35 29.84 -11.02
CA PHE B 284 -1.74 29.58 -9.71
C PHE B 284 -1.20 30.88 -9.13
N TYR B 285 -1.15 30.95 -7.80
CA TYR B 285 -0.63 32.13 -7.10
C TYR B 285 0.12 31.71 -5.84
N PHE B 286 1.41 32.06 -5.76
CA PHE B 286 2.30 31.59 -4.70
C PHE B 286 1.87 32.10 -3.33
N ILE B 287 1.79 31.21 -2.34
CA ILE B 287 1.59 31.63 -0.94
C ILE B 287 2.89 31.49 -0.17
N GLU B 288 3.46 30.29 -0.19
CA GLU B 288 4.53 29.93 0.72
C GLU B 288 5.27 28.71 0.25
N MET B 289 6.57 28.64 0.57
CA MET B 289 7.31 27.41 0.40
C MET B 289 7.62 26.84 1.76
N ASN B 290 7.20 25.59 1.97
CA ASN B 290 7.54 24.85 3.17
C ASN B 290 8.89 24.18 2.96
N THR B 291 9.91 24.62 3.69
CA THR B 291 11.27 24.18 3.47
C THR B 291 11.58 22.96 4.36
N ARG B 292 10.82 21.90 4.11
CA ARG B 292 10.72 20.75 5.01
C ARG B 292 9.77 19.73 4.40
N VAL B 293 9.74 18.53 4.95
CA VAL B 293 8.69 17.56 4.61
C VAL B 293 7.37 18.06 5.19
N GLN B 294 6.27 17.58 4.62
CA GLN B 294 4.94 17.94 5.11
C GLN B 294 4.17 16.72 5.63
N VAL B 295 3.17 16.99 6.45
CA VAL B 295 2.31 15.97 7.01
C VAL B 295 1.74 15.09 5.90
N GLU B 296 1.29 15.73 4.82
CA GLU B 296 0.55 15.04 3.77
C GLU B 296 1.41 14.44 2.64
N HIS B 297 2.71 14.28 2.88
CA HIS B 297 3.60 13.64 1.88
C HIS B 297 3.15 12.22 1.41
N PRO B 298 2.55 11.40 2.30
CA PRO B 298 2.18 10.05 1.84
C PRO B 298 1.31 9.96 0.59
N VAL B 299 0.43 10.94 0.35
CA VAL B 299 -0.44 10.86 -0.85
C VAL B 299 0.38 10.99 -2.13
N SER B 300 1.40 11.83 -2.10
CA SER B 300 2.32 11.92 -3.24
C SER B 300 3.19 10.67 -3.37
N GLU B 301 3.50 10.03 -2.25
CA GLU B 301 4.25 8.77 -2.27
C GLU B 301 3.44 7.70 -2.98
N MET B 302 2.16 7.61 -2.67
CA MET B 302 1.28 6.59 -3.24
C MET B 302 1.16 6.70 -4.76
N VAL B 303 0.96 7.91 -5.27
CA VAL B 303 0.71 8.07 -6.71
C VAL B 303 1.99 8.11 -7.56
N THR B 304 3.17 8.21 -6.93
CA THR B 304 4.45 8.27 -7.65
C THR B 304 5.32 7.03 -7.47
N GLY B 305 5.12 6.30 -6.37
CA GLY B 305 6.01 5.19 -6.01
C GLY B 305 7.33 5.64 -5.40
N VAL B 306 7.48 6.95 -5.16
CA VAL B 306 8.73 7.50 -4.64
C VAL B 306 8.56 7.67 -3.13
N ASP B 307 9.55 7.19 -2.37
CA ASP B 307 9.52 7.33 -0.92
C ASP B 307 10.26 8.61 -0.60
N ILE B 308 9.50 9.62 -0.18
CA ILE B 308 10.03 10.97 -0.03
C ILE B 308 11.04 11.05 1.12
N VAL B 309 10.74 10.40 2.23
CA VAL B 309 11.60 10.48 3.41
C VAL B 309 12.94 9.77 3.18
N LYS B 310 12.92 8.67 2.43
CA LYS B 310 14.16 7.97 2.12
C LYS B 310 15.03 8.81 1.18
N GLU B 311 14.39 9.49 0.23
CA GLU B 311 15.13 10.35 -0.68
C GLU B 311 15.77 11.55 0.05
N MET B 312 15.06 12.11 1.03
CA MET B 312 15.64 13.16 1.91
C MET B 312 16.93 12.67 2.55
N LEU B 313 16.89 11.45 3.07
CA LEU B 313 18.04 10.87 3.76
C LEU B 313 19.17 10.55 2.78
N ARG B 314 18.83 10.09 1.58
CA ARG B 314 19.82 9.88 0.53
C ARG B 314 20.50 11.18 0.13
N ILE B 315 19.71 12.24 -0.02
CA ILE B 315 20.21 13.55 -0.40
C ILE B 315 21.09 14.15 0.70
N ALA B 316 20.64 14.05 1.95
CA ALA B 316 21.39 14.57 3.09
C ALA B 316 22.70 13.81 3.32
N SER B 317 22.78 12.59 2.80
CA SER B 317 24.01 11.81 2.85
C SER B 317 24.97 12.10 1.69
N GLY B 318 24.63 13.07 0.84
CA GLY B 318 25.50 13.48 -0.26
C GLY B 318 25.19 12.90 -1.64
N GLU B 319 24.20 12.01 -1.73
CA GLU B 319 23.86 11.42 -3.02
C GLU B 319 23.12 12.40 -3.92
N LYS B 320 23.47 12.41 -5.21
CA LYS B 320 22.70 13.11 -6.22
C LYS B 320 21.42 12.33 -6.47
N LEU B 321 20.40 13.02 -6.98
CA LEU B 321 19.13 12.36 -7.33
C LEU B 321 19.37 11.24 -8.33
N SER B 322 18.84 10.06 -8.03
CA SER B 322 18.89 8.93 -8.97
C SER B 322 17.65 8.93 -9.88
N ILE B 323 16.62 9.66 -9.47
CA ILE B 323 15.36 9.74 -10.21
C ILE B 323 15.34 10.94 -11.13
N ARG B 324 15.13 10.71 -12.42
CA ARG B 324 14.89 11.80 -13.37
C ARG B 324 13.41 12.12 -13.40
N GLN B 325 13.04 13.24 -14.04
CA GLN B 325 11.62 13.60 -14.15
C GLN B 325 10.83 12.58 -15.01
N GLU B 326 11.48 12.04 -16.04
CA GLU B 326 10.91 11.02 -16.92
C GLU B 326 10.44 9.78 -16.16
N ASP B 327 11.14 9.43 -15.08
CA ASP B 327 10.79 8.26 -14.27
C ASP B 327 9.65 8.54 -13.29
N VAL B 328 9.24 9.79 -13.17
CA VAL B 328 8.15 10.16 -12.27
C VAL B 328 6.87 10.22 -13.07
N VAL B 329 5.98 9.25 -12.85
CA VAL B 329 4.69 9.20 -13.52
C VAL B 329 3.59 9.10 -12.46
N ILE B 330 2.69 10.08 -12.47
CA ILE B 330 1.55 10.10 -11.56
C ILE B 330 0.56 9.05 -12.02
N ARG B 331 0.28 8.07 -11.17
CA ARG B 331 -0.63 6.99 -11.50
C ARG B 331 -1.63 6.78 -10.38
N GLY B 332 -2.91 6.74 -10.74
CA GLY B 332 -3.97 6.55 -9.76
C GLY B 332 -4.24 7.79 -8.94
N HIS B 333 -4.78 7.60 -7.75
CA HIS B 333 -5.23 8.72 -6.93
C HIS B 333 -5.19 8.33 -5.47
N ALA B 334 -4.88 9.26 -4.59
CA ALA B 334 -4.69 8.96 -3.17
C ALA B 334 -5.35 10.00 -2.29
N LEU B 335 -5.78 9.55 -1.12
CA LEU B 335 -6.51 10.35 -0.15
C LEU B 335 -5.91 10.14 1.21
N GLU B 336 -5.89 11.19 2.02
CA GLU B 336 -5.43 11.06 3.40
C GLU B 336 -6.39 11.77 4.34
N CYS B 337 -6.77 11.08 5.42
CA CYS B 337 -7.57 11.66 6.49
C CYS B 337 -6.71 11.77 7.73
N ARG B 338 -6.58 12.99 8.23
CA ARG B 338 -5.89 13.22 9.50
C ARG B 338 -6.81 12.83 10.64
N ILE B 339 -6.39 11.86 11.44
CA ILE B 339 -7.13 11.46 12.62
C ILE B 339 -6.58 12.27 13.79
N ASN B 340 -7.43 13.11 14.37
CA ASN B 340 -7.05 14.00 15.46
C ASN B 340 -7.80 13.60 16.72
N ALA B 341 -7.12 13.70 17.87
CA ALA B 341 -7.73 13.48 19.18
C ALA B 341 -8.46 14.74 19.60
N GLU B 342 -9.72 14.86 19.18
CA GLU B 342 -10.55 16.03 19.45
C GLU B 342 -12.03 15.67 19.28
N ASP B 343 -12.92 16.38 19.97
CA ASP B 343 -14.36 16.18 19.79
C ASP B 343 -14.80 16.64 18.39
N PRO B 344 -15.43 15.73 17.61
CA PRO B 344 -15.71 15.96 16.16
C PRO B 344 -16.70 17.07 15.84
N LYS B 345 -17.38 17.62 16.86
CA LYS B 345 -18.21 18.81 16.68
C LYS B 345 -17.62 20.04 17.41
N THR B 346 -17.12 19.84 18.63
CA THR B 346 -16.60 20.93 19.48
C THR B 346 -15.14 21.32 19.17
N PHE B 347 -14.37 20.34 18.70
CA PHE B 347 -12.95 20.49 18.35
C PHE B 347 -12.06 20.81 19.56
N MET B 348 -12.55 20.46 20.74
CA MET B 348 -11.74 20.52 21.95
C MET B 348 -10.82 19.31 21.95
N PRO B 349 -9.49 19.53 22.14
CA PRO B 349 -8.55 18.41 22.25
C PRO B 349 -9.04 17.37 23.25
N SER B 350 -8.82 16.10 22.95
CA SER B 350 -9.28 15.02 23.80
C SER B 350 -8.11 14.10 24.16
N PRO B 351 -7.27 14.54 25.13
CA PRO B 351 -6.24 13.64 25.65
C PRO B 351 -6.88 12.52 26.47
N GLY B 352 -6.12 11.47 26.74
CA GLY B 352 -6.66 10.34 27.50
C GLY B 352 -6.10 9.00 27.05
N LYS B 353 -6.54 7.94 27.72
CA LYS B 353 -6.01 6.61 27.49
C LYS B 353 -6.77 5.91 26.37
N VAL B 354 -6.04 5.43 25.37
CA VAL B 354 -6.62 4.62 24.31
C VAL B 354 -6.72 3.19 24.79
N LYS B 355 -7.93 2.74 25.12
CA LYS B 355 -8.15 1.38 25.61
C LYS B 355 -7.99 0.38 24.47
N HIS B 356 -8.42 0.74 23.27
CA HIS B 356 -8.40 -0.17 22.12
C HIS B 356 -8.13 0.60 20.83
N PHE B 357 -7.08 0.17 20.12
CA PHE B 357 -6.75 0.72 18.81
C PHE B 357 -6.84 -0.40 17.77
N HIS B 358 -7.66 -0.19 16.75
CA HIS B 358 -7.67 -1.08 15.61
C HIS B 358 -7.54 -0.30 14.31
N ALA B 359 -6.58 -0.71 13.50
CA ALA B 359 -6.26 -0.05 12.24
C ALA B 359 -6.96 -0.76 11.09
N PRO B 360 -7.39 0.02 10.08
CA PRO B 360 -7.92 -0.59 8.87
C PRO B 360 -6.82 -1.24 8.05
N GLY B 361 -7.20 -2.20 7.22
CA GLY B 361 -6.25 -2.87 6.32
C GLY B 361 -6.87 -3.26 4.99
N GLY B 362 -6.16 -4.09 4.23
CA GLY B 362 -6.62 -4.49 2.90
C GLY B 362 -5.97 -3.71 1.78
N ASN B 363 -6.44 -3.98 0.57
CA ASN B 363 -5.81 -3.44 -0.62
C ASN B 363 -5.94 -1.92 -0.68
N GLY B 364 -4.83 -1.23 -0.84
CA GLY B 364 -4.83 0.20 -1.03
C GLY B 364 -5.07 1.00 0.24
N VAL B 365 -4.86 0.37 1.40
CA VAL B 365 -5.02 1.03 2.68
C VAL B 365 -3.67 1.07 3.38
N ARG B 366 -3.24 2.29 3.69
CA ARG B 366 -1.99 2.55 4.40
C ARG B 366 -2.32 3.35 5.65
N VAL B 367 -1.66 3.02 6.75
CA VAL B 367 -1.88 3.69 8.02
C VAL B 367 -0.54 4.14 8.62
N ASP B 368 -0.41 5.44 8.86
CA ASP B 368 0.77 6.04 9.50
C ASP B 368 0.36 6.61 10.85
N SER B 369 0.64 5.86 11.92
CA SER B 369 0.24 6.28 13.26
C SER B 369 1.08 5.65 14.35
N HIS B 370 1.21 6.39 15.44
CA HIS B 370 1.94 5.91 16.61
C HIS B 370 0.99 5.37 17.68
N LEU B 371 -0.32 5.44 17.42
CA LEU B 371 -1.29 4.90 18.37
C LEU B 371 -1.07 3.41 18.60
N TYR B 372 -1.31 2.96 19.82
CA TYR B 372 -1.36 1.55 20.15
C TYR B 372 -2.22 1.38 21.39
N SER B 373 -2.71 0.17 21.63
CA SER B 373 -3.62 -0.08 22.75
C SER B 373 -2.86 -0.02 24.08
N GLY B 374 -3.35 0.83 24.99
CA GLY B 374 -2.67 1.10 26.27
C GLY B 374 -2.01 2.48 26.29
N TYR B 375 -1.86 3.10 25.11
CA TYR B 375 -1.17 4.39 24.98
C TYR B 375 -2.07 5.52 25.41
N SER B 376 -1.48 6.50 26.11
CA SER B 376 -2.21 7.71 26.49
C SER B 376 -1.73 8.88 25.66
N VAL B 377 -2.67 9.66 25.16
CA VAL B 377 -2.36 10.84 24.38
C VAL B 377 -2.19 11.98 25.38
N PRO B 378 -1.01 12.60 25.41
CA PRO B 378 -0.77 13.69 26.35
C PRO B 378 -1.45 14.98 25.90
N PRO B 379 -1.83 15.84 26.85
CA PRO B 379 -2.49 17.13 26.54
C PRO B 379 -1.55 18.20 25.96
N ASN B 380 -0.24 17.97 26.04
CA ASN B 380 0.73 19.05 25.88
C ASN B 380 0.91 19.55 24.45
N TYR B 381 0.69 18.68 23.46
CA TYR B 381 1.08 18.96 22.06
C TYR B 381 -0.14 19.02 21.14
N ASP B 382 0.08 18.84 19.83
CA ASP B 382 -1.02 18.92 18.84
C ASP B 382 -1.89 17.68 18.93
N SER B 383 -2.96 17.62 18.14
CA SER B 383 -3.96 16.56 18.28
C SER B 383 -3.83 15.41 17.26
N LEU B 384 -2.90 15.53 16.31
CA LEU B 384 -2.68 14.50 15.30
C LEU B 384 -2.18 13.18 15.90
N VAL B 385 -2.99 12.15 15.83
CA VAL B 385 -2.65 10.83 16.37
C VAL B 385 -2.48 9.77 15.31
N GLY B 386 -2.77 10.09 14.06
CA GLY B 386 -2.65 9.12 12.99
C GLY B 386 -3.13 9.61 11.65
N LYS B 387 -2.68 8.95 10.60
CA LYS B 387 -3.06 9.26 9.23
C LYS B 387 -3.49 8.00 8.47
N VAL B 388 -4.75 7.98 8.02
CA VAL B 388 -5.26 6.91 7.18
C VAL B 388 -5.14 7.38 5.74
N ILE B 389 -4.41 6.61 4.94
CA ILE B 389 -4.16 6.93 3.56
C ILE B 389 -4.67 5.83 2.65
N THR B 390 -5.44 6.18 1.62
CA THR B 390 -5.90 5.20 0.65
C THR B 390 -5.44 5.52 -0.75
N TYR B 391 -5.38 4.48 -1.58
CA TYR B 391 -4.87 4.58 -2.94
C TYR B 391 -5.72 3.77 -3.89
N GLY B 392 -6.07 4.35 -5.03
CA GLY B 392 -6.90 3.68 -6.02
C GLY B 392 -6.53 4.00 -7.44
N ALA B 393 -7.05 3.17 -8.36
CA ALA B 393 -6.88 3.39 -9.79
C ALA B 393 -7.39 4.75 -10.23
N ASP B 394 -8.38 5.29 -9.49
CA ASP B 394 -8.93 6.63 -9.75
C ASP B 394 -9.53 7.22 -8.47
N ARG B 395 -9.98 8.47 -8.55
CA ARG B 395 -10.46 9.19 -7.37
C ARG B 395 -11.59 8.46 -6.64
N ASP B 396 -12.55 7.92 -7.38
CA ASP B 396 -13.68 7.19 -6.77
C ASP B 396 -13.27 5.93 -6.02
N GLU B 397 -12.23 5.24 -6.48
CA GLU B 397 -11.78 4.03 -5.79
C GLU B 397 -11.08 4.42 -4.50
N ALA B 398 -10.29 5.49 -4.56
CA ALA B 398 -9.65 6.05 -3.37
C ALA B 398 -10.71 6.42 -2.33
N LEU B 399 -11.79 7.05 -2.77
CA LEU B 399 -12.89 7.39 -1.87
C LEU B 399 -13.56 6.15 -1.29
N ALA B 400 -13.82 5.16 -2.14
CA ALA B 400 -14.51 3.95 -1.69
C ALA B 400 -13.67 3.22 -0.67
N ARG B 401 -12.37 3.19 -0.89
CA ARG B 401 -11.46 2.55 0.06
C ARG B 401 -11.36 3.33 1.37
N MET B 402 -11.46 4.65 1.32
CA MET B 402 -11.45 5.44 2.54
C MET B 402 -12.72 5.18 3.36
N ARG B 403 -13.88 5.09 2.71
CA ARG B 403 -15.10 4.69 3.42
C ARG B 403 -14.89 3.40 4.18
N ASN B 404 -14.30 2.41 3.52
CA ASN B 404 -14.07 1.10 4.13
C ASN B 404 -13.12 1.21 5.31
N ALA B 405 -12.06 2.00 5.13
CA ALA B 405 -11.01 2.10 6.15
C ALA B 405 -11.56 2.78 7.40
N LEU B 406 -12.34 3.83 7.21
CA LEU B 406 -12.91 4.55 8.36
C LEU B 406 -13.88 3.66 9.13
N ASP B 407 -14.58 2.76 8.43
CA ASP B 407 -15.49 1.81 9.09
C ASP B 407 -14.77 0.85 10.02
N GLU B 408 -13.50 0.59 9.75
CA GLU B 408 -12.74 -0.38 10.53
C GLU B 408 -11.92 0.26 11.65
N LEU B 409 -11.67 1.57 11.54
CA LEU B 409 -10.84 2.29 12.51
C LEU B 409 -11.53 2.40 13.85
N ILE B 410 -10.87 1.89 14.89
CA ILE B 410 -11.33 2.05 16.26
C ILE B 410 -10.25 2.74 17.08
N VAL B 411 -10.61 3.87 17.70
CA VAL B 411 -9.76 4.52 18.69
C VAL B 411 -10.61 4.75 19.95
N ASP B 412 -10.80 3.67 20.69
CA ASP B 412 -11.70 3.66 21.82
C ASP B 412 -10.97 4.22 23.04
N GLY B 413 -11.64 5.13 23.76
CA GLY B 413 -11.08 5.76 24.95
C GLY B 413 -10.98 7.27 24.84
N ILE B 414 -10.82 7.77 23.62
CA ILE B 414 -10.77 9.20 23.37
C ILE B 414 -11.68 9.57 22.20
N LYS B 415 -12.06 10.84 22.14
CA LYS B 415 -12.86 11.33 21.04
C LYS B 415 -11.95 11.61 19.85
N THR B 416 -12.39 11.26 18.65
CA THR B 416 -11.64 11.60 17.44
C THR B 416 -12.58 12.26 16.45
N ASN B 417 -12.00 12.76 15.35
CA ASN B 417 -12.75 13.36 14.25
C ASN B 417 -13.14 12.33 13.18
N THR B 418 -13.12 11.06 13.53
CA THR B 418 -13.44 9.98 12.59
C THR B 418 -14.80 10.19 11.92
N GLU B 419 -15.81 10.57 12.70
CA GLU B 419 -17.17 10.75 12.18
C GLU B 419 -17.26 11.89 11.19
N LEU B 420 -16.49 12.95 11.40
CA LEU B 420 -16.44 14.02 10.42
C LEU B 420 -15.89 13.50 9.08
N HIS B 421 -14.84 12.68 9.13
CA HIS B 421 -14.28 12.10 7.91
C HIS B 421 -15.26 11.20 7.18
N LYS B 422 -15.94 10.31 7.92
CA LYS B 422 -17.01 9.48 7.35
C LYS B 422 -18.02 10.34 6.61
N ASP B 423 -18.31 11.49 7.19
CA ASP B 423 -19.23 12.44 6.62
C ASP B 423 -18.68 12.99 5.30
N LEU B 424 -17.44 13.49 5.36
CA LEU B 424 -16.82 14.17 4.24
C LEU B 424 -16.64 13.27 3.03
N VAL B 425 -16.28 12.00 3.26
CA VAL B 425 -16.10 11.07 2.15
C VAL B 425 -17.43 10.59 1.56
N ARG B 426 -18.54 11.04 2.12
CA ARG B 426 -19.88 10.78 1.56
C ARG B 426 -20.54 12.08 1.11
N ASP B 427 -19.86 13.20 1.28
CA ASP B 427 -20.40 14.51 0.95
C ASP B 427 -20.45 14.69 -0.56
N ALA B 428 -21.61 15.12 -1.07
CA ALA B 428 -21.83 15.26 -2.51
C ALA B 428 -20.80 16.19 -3.17
N ALA B 429 -20.53 17.34 -2.55
CA ALA B 429 -19.60 18.31 -3.14
C ALA B 429 -18.16 17.77 -3.17
N PHE B 430 -17.73 17.14 -2.08
CA PHE B 430 -16.39 16.58 -2.04
C PHE B 430 -16.26 15.40 -3.00
N CYS B 431 -17.31 14.59 -3.11
CA CYS B 431 -17.28 13.45 -4.02
C CYS B 431 -17.18 13.90 -5.48
N LYS B 432 -17.83 15.01 -5.81
CA LYS B 432 -17.70 15.58 -7.15
C LYS B 432 -16.28 16.13 -7.34
N GLY B 433 -15.73 16.72 -6.27
CA GLY B 433 -14.35 17.18 -6.28
C GLY B 433 -14.21 18.65 -6.64
N GLY B 434 -13.14 19.28 -6.18
CA GLY B 434 -12.82 20.66 -6.54
C GLY B 434 -13.43 21.72 -5.63
N VAL B 435 -13.66 21.36 -4.36
CA VAL B 435 -14.22 22.29 -3.38
C VAL B 435 -13.17 23.35 -3.03
N ASN B 436 -13.63 24.55 -2.68
CA ASN B 436 -12.71 25.64 -2.35
C ASN B 436 -12.33 25.64 -0.87
N ILE B 437 -11.36 26.49 -0.51
CA ILE B 437 -10.81 26.52 0.84
C ILE B 437 -11.80 26.98 1.91
N HIS B 438 -12.98 27.45 1.49
CA HIS B 438 -14.02 27.87 2.42
C HIS B 438 -15.10 26.80 2.66
N TYR B 439 -15.02 25.66 1.97
CA TYR B 439 -16.13 24.70 1.97
C TYR B 439 -16.39 24.08 3.34
N LEU B 440 -15.35 23.55 3.96
CA LEU B 440 -15.51 22.88 5.24
C LEU B 440 -16.18 23.75 6.31
N GLU B 441 -15.68 24.97 6.50
CA GLU B 441 -16.26 25.88 7.50
C GLU B 441 -17.71 26.25 7.17
N LYS B 442 -18.02 26.36 5.88
CA LYS B 442 -19.38 26.59 5.41
C LYS B 442 -20.28 25.41 5.79
N LYS B 443 -19.84 24.19 5.47
CA LYS B 443 -20.57 22.98 5.85
C LYS B 443 -20.81 22.90 7.36
N LEU B 444 -19.80 23.26 8.14
CA LEU B 444 -19.87 23.20 9.61
C LEU B 444 -20.67 24.36 10.27
N GLY B 445 -21.14 25.32 9.48
CA GLY B 445 -21.98 26.42 10.02
C GLY B 445 -21.21 27.42 10.85
#